data_4W88
#
_entry.id   4W88
#
_cell.length_a   97.658
_cell.length_b   97.658
_cell.length_c   95.985
_cell.angle_alpha   90.00
_cell.angle_beta   90.00
_cell.angle_gamma   120.00
#
_symmetry.space_group_name_H-M   'P 31'
#
loop_
_entity.id
_entity.type
_entity.pdbx_description
1 polymer 'Xyloglucan-specific endo-beta-1,4-glucanase'
2 branched beta-D-galactopyranose-(1-2)-alpha-D-xylopyranose-(1-6)-[beta-D-glucopyranose-(1-4)]beta-D-glucopyranose
3 branched alpha-D-xylopyranose-(1-6)-beta-D-glucopyranose-(1-4)-[beta-D-galactopyranose-(1-2)-alpha-D-xylopyranose-(1-6)]beta-D-glucopyranose-(1-4)-beta-D-glucopyranose
4 non-polymer 2-AMINO-2-HYDROXYMETHYL-PROPANE-1,3-DIOL
5 non-polymer 'MAGNESIUM ION'
6 water water
#
_entity_poly.entity_id   1
_entity_poly.type   'polypeptide(L)'
_entity_poly.pdbx_seq_one_letter_code
;DRSRVFDILSNINIGWNLGNTLDATGGGNSVNAETSWGNPKTTQEIVDTVNDRGFNAIRIPVTFANHLGPAPEYTISADW
LARVKEVVDYAVNDG(MSE)YIILDTHHETNYWLKTDPNNEAALCEELAAIWKQLAEAFKDYDEKL(MSE)FEG(MSE)N
EPR(MSE)AGSAKEWSGGTPAERKLINA(MSE)NKAFIDAVRATGGNNADRVLIICTYGHNSDEPTLKDLEIPSDPNIAV
ALHTYTPYFFTYVADGSYSVWNGSKKNDITWQYNNIKKYLIDKGIPVVITETGAQFKENTEDIVRWIGDYVGTLDQDGVK
CFIWDNNIYHGNGEKFGLLNRSLLKWYNDDIVDAYVNHAA
;
_entity_poly.pdbx_strand_id   B,A
#
loop_
_chem_comp.id
_chem_comp.type
_chem_comp.name
_chem_comp.formula
BGC D-saccharide, beta linking beta-D-glucopyranose 'C6 H12 O6'
GAL D-saccharide, beta linking beta-D-galactopyranose 'C6 H12 O6'
MG non-polymer 'MAGNESIUM ION' 'Mg 2'
TRS non-polymer 2-AMINO-2-HYDROXYMETHYL-PROPANE-1,3-DIOL 'C4 H12 N O3 1'
XYS D-saccharide, alpha linking alpha-D-xylopyranose 'C5 H10 O5'
#
# COMPACT_ATOMS: atom_id res chain seq x y z
N ASP A 1 2.79 -11.09 -1.50
CA ASP A 1 3.67 -11.33 -0.35
C ASP A 1 3.15 -10.52 0.84
N ARG A 2 2.53 -11.22 1.76
CA ARG A 2 2.04 -10.64 3.03
C ARG A 2 2.93 -11.01 4.23
N SER A 3 4.16 -11.39 3.97
CA SER A 3 4.94 -11.99 5.02
C SER A 3 5.36 -10.96 6.10
N ARG A 4 5.46 -9.66 5.78
CA ARG A 4 5.65 -8.66 6.84
C ARG A 4 4.63 -8.72 7.98
N VAL A 5 3.38 -8.90 7.62
CA VAL A 5 2.31 -8.98 8.63
C VAL A 5 2.50 -10.27 9.47
N PHE A 6 2.78 -11.38 8.82
CA PHE A 6 3.05 -12.64 9.55
C PHE A 6 4.25 -12.49 10.49
N ASP A 7 5.30 -11.79 10.05
CA ASP A 7 6.44 -11.60 10.92
C ASP A 7 6.13 -10.80 12.13
N ILE A 8 5.39 -9.70 11.95
CA ILE A 8 4.98 -8.90 13.10
C ILE A 8 4.16 -9.73 14.09
N LEU A 9 3.12 -10.40 13.59
CA LEU A 9 2.25 -11.17 14.49
C LEU A 9 3.00 -12.30 15.19
N SER A 10 4.04 -12.88 14.58
CA SER A 10 4.75 -13.98 15.20
C SER A 10 5.44 -13.62 16.49
N ASN A 11 5.62 -12.32 16.74
CA ASN A 11 6.21 -11.82 17.98
C ASN A 11 5.26 -11.90 19.19
N ILE A 12 3.99 -12.12 18.93
CA ILE A 12 2.98 -12.15 19.99
C ILE A 12 2.97 -13.55 20.61
N ASN A 13 2.99 -13.61 21.92
CA ASN A 13 2.69 -14.85 22.66
C ASN A 13 1.19 -15.06 22.61
N ILE A 14 0.49 -14.24 23.35
CA ILE A 14 -0.96 -14.26 23.44
C ILE A 14 -1.36 -12.84 23.89
N GLY A 15 -2.56 -12.42 23.51
CA GLY A 15 -3.04 -11.11 23.86
C GLY A 15 -4.19 -11.04 24.85
N TRP A 16 -4.48 -9.81 25.21
CA TRP A 16 -5.41 -9.51 26.34
C TRP A 16 -6.16 -8.25 26.05
N ASN A 17 -7.48 -8.26 26.23
CA ASN A 17 -8.30 -7.08 25.95
C ASN A 17 -8.57 -6.32 27.28
N LEU A 18 -8.40 -5.01 27.19
CA LEU A 18 -8.84 -4.07 28.29
C LEU A 18 -10.35 -3.84 28.16
N GLY A 19 -11.13 -4.86 28.55
CA GLY A 19 -12.55 -4.85 28.29
C GLY A 19 -13.38 -3.98 29.26
N ASN A 20 -14.53 -3.48 28.78
CA ASN A 20 -15.50 -2.73 29.60
C ASN A 20 -14.87 -1.46 30.22
N THR A 21 -13.99 -0.85 29.41
CA THR A 21 -13.12 0.28 29.87
C THR A 21 -13.32 1.45 28.91
N LEU A 22 -12.43 1.68 27.94
CA LEU A 22 -12.64 2.76 27.00
C LEU A 22 -13.80 2.49 26.03
N ASP A 23 -14.25 1.25 25.98
CA ASP A 23 -15.39 0.80 25.21
C ASP A 23 -16.71 1.03 25.91
N ALA A 24 -16.66 1.31 27.20
CA ALA A 24 -17.87 1.60 27.94
C ALA A 24 -18.55 2.88 27.43
N THR A 25 -19.87 2.91 27.51
CA THR A 25 -20.68 3.94 26.81
C THR A 25 -21.44 4.87 27.75
N GLY A 26 -21.20 4.76 29.05
CA GLY A 26 -21.77 5.71 29.98
C GLY A 26 -20.94 6.98 30.01
N GLY A 27 -21.43 7.92 30.78
CA GLY A 27 -20.73 9.19 31.02
C GLY A 27 -20.80 10.23 29.95
N GLY A 28 -21.44 9.94 28.84
CA GLY A 28 -21.52 10.94 27.79
C GLY A 28 -20.20 11.39 27.20
N ASN A 29 -20.09 12.70 26.95
CA ASN A 29 -18.90 13.21 26.31
C ASN A 29 -17.91 13.60 27.38
N SER A 30 -17.37 12.58 28.05
CA SER A 30 -16.53 12.79 29.18
C SER A 30 -15.51 11.66 29.25
N VAL A 31 -14.33 11.96 29.73
CA VAL A 31 -13.35 10.89 30.09
C VAL A 31 -13.86 9.89 31.14
N ASN A 32 -14.91 10.28 31.88
CA ASN A 32 -15.49 9.42 32.85
C ASN A 32 -16.19 8.19 32.27
N ALA A 33 -16.35 8.18 30.92
CA ALA A 33 -16.87 6.96 30.25
C ALA A 33 -16.06 5.75 30.63
N GLU A 34 -14.75 5.96 30.83
CA GLU A 34 -13.83 4.88 31.14
C GLU A 34 -14.22 4.03 32.37
N THR A 35 -14.80 4.68 33.37
CA THR A 35 -15.15 4.06 34.62
C THR A 35 -16.65 3.82 34.74
N SER A 36 -17.38 4.10 33.66
CA SER A 36 -18.87 4.13 33.71
C SER A 36 -19.46 2.72 33.86
N TRP A 37 -18.69 1.69 33.57
CA TRP A 37 -19.16 0.32 33.73
C TRP A 37 -18.50 -0.40 34.87
N GLY A 38 -17.93 0.40 35.77
CA GLY A 38 -17.47 -0.12 37.06
C GLY A 38 -16.03 -0.53 37.18
N ASN A 39 -15.30 -0.31 36.09
CA ASN A 39 -13.84 -0.56 36.15
C ASN A 39 -13.06 0.63 36.61
N PRO A 40 -11.96 0.35 37.29
CA PRO A 40 -11.12 1.50 37.71
C PRO A 40 -10.42 2.18 36.53
N LYS A 41 -10.01 3.40 36.72
CA LYS A 41 -9.26 4.09 35.69
C LYS A 41 -7.96 3.26 35.41
N THR A 42 -7.65 3.07 34.13
CA THR A 42 -6.49 2.27 33.76
C THR A 42 -5.22 3.02 34.18
N THR A 43 -4.26 2.24 34.64
CA THR A 43 -2.97 2.80 35.06
C THR A 43 -1.80 2.05 34.33
N GLN A 44 -0.62 2.68 34.32
CA GLN A 44 0.59 2.02 33.84
C GLN A 44 0.80 0.63 34.51
N GLU A 45 0.51 0.56 35.81
CA GLU A 45 0.69 -0.63 36.59
C GLU A 45 -0.25 -1.75 36.13
N ILE A 46 -1.50 -1.42 35.82
CA ILE A 46 -2.42 -2.44 35.31
C ILE A 46 -1.82 -3.06 34.02
N VAL A 47 -1.41 -2.21 33.09
CA VAL A 47 -0.88 -2.66 31.82
C VAL A 47 0.41 -3.46 32.05
N ASP A 48 1.28 -2.97 32.94
CA ASP A 48 2.50 -3.71 33.30
C ASP A 48 2.23 -5.13 33.75
N THR A 49 1.18 -5.28 34.55
CA THR A 49 0.87 -6.56 35.16
C THR A 49 0.45 -7.56 34.11
N VAL A 50 -0.36 -7.09 33.15
CA VAL A 50 -0.72 -7.89 31.98
C VAL A 50 0.53 -8.40 31.22
N ASN A 51 1.38 -7.45 30.83
CA ASN A 51 2.60 -7.73 30.13
C ASN A 51 3.49 -8.73 30.90
N ASP A 52 3.64 -8.48 32.18
CA ASP A 52 4.57 -9.28 32.99
C ASP A 52 4.15 -10.74 33.09
N ARG A 53 2.83 -10.99 32.97
CA ARG A 53 2.32 -12.37 33.17
C ARG A 53 2.56 -13.12 31.90
N GLY A 54 2.84 -12.42 30.80
CA GLY A 54 3.03 -13.09 29.53
C GLY A 54 2.14 -12.68 28.36
N PHE A 55 1.18 -11.81 28.63
CA PHE A 55 0.34 -11.25 27.57
C PHE A 55 1.08 -10.05 27.05
N ASN A 56 1.89 -10.28 26.00
CA ASN A 56 2.73 -9.16 25.48
C ASN A 56 2.02 -8.33 24.38
N ALA A 57 0.74 -8.60 24.19
CA ALA A 57 -0.06 -7.88 23.23
C ALA A 57 -1.34 -7.51 23.94
N ILE A 58 -1.82 -6.32 23.68
CA ILE A 58 -3.03 -5.75 24.33
C ILE A 58 -3.91 -5.18 23.23
N ARG A 59 -5.20 -5.51 23.32
CA ARG A 59 -6.24 -4.90 22.52
C ARG A 59 -6.95 -3.87 23.46
N ILE A 60 -7.06 -2.63 22.94
CA ILE A 60 -7.65 -1.52 23.65
C ILE A 60 -8.90 -1.15 22.91
N PRO A 61 -10.02 -1.75 23.34
CA PRO A 61 -11.28 -1.40 22.66
C PRO A 61 -11.73 -0.03 23.10
N VAL A 62 -12.21 0.75 22.13
CA VAL A 62 -12.60 2.12 22.39
C VAL A 62 -13.93 2.42 21.67
N THR A 63 -14.89 2.99 22.38
CA THR A 63 -16.12 3.42 21.73
C THR A 63 -16.02 4.93 21.65
N PHE A 64 -16.12 5.42 20.42
CA PHE A 64 -15.92 6.86 20.19
C PHE A 64 -17.21 7.65 20.14
N ALA A 65 -18.31 6.98 19.74
CA ALA A 65 -19.55 7.66 19.43
C ALA A 65 -19.89 8.89 20.32
N ASN A 66 -20.03 8.66 21.62
CA ASN A 66 -20.45 9.77 22.47
C ASN A 66 -19.40 10.90 22.66
N HIS A 67 -18.21 10.67 22.13
CA HIS A 67 -17.11 11.66 22.20
C HIS A 67 -16.94 12.40 20.89
N LEU A 68 -17.83 12.16 19.94
CA LEU A 68 -17.77 12.80 18.63
C LEU A 68 -18.63 14.02 18.50
N GLY A 69 -18.06 14.99 17.80
CA GLY A 69 -18.80 16.17 17.41
C GLY A 69 -19.76 15.87 16.26
N PRO A 70 -20.50 16.86 15.82
CA PRO A 70 -21.48 16.61 14.79
C PRO A 70 -20.88 16.19 13.45
N ALA A 71 -21.67 15.47 12.70
CA ALA A 71 -21.36 15.26 11.28
C ALA A 71 -21.27 16.63 10.59
N PRO A 72 -20.45 16.73 9.52
CA PRO A 72 -19.64 15.67 8.88
C PRO A 72 -18.19 15.51 9.38
N GLU A 73 -17.73 16.38 10.28
CA GLU A 73 -16.37 16.31 10.79
C GLU A 73 -16.17 15.18 11.83
N TYR A 74 -17.21 14.96 12.62
CA TYR A 74 -17.17 13.98 13.66
C TYR A 74 -15.90 14.15 14.54
N THR A 75 -15.58 15.39 14.88
CA THR A 75 -14.34 15.66 15.57
C THR A 75 -14.34 14.93 16.96
N ILE A 76 -13.28 14.19 17.21
CA ILE A 76 -13.12 13.51 18.49
C ILE A 76 -12.74 14.52 19.56
N SER A 77 -13.50 14.52 20.67
CA SER A 77 -13.23 15.46 21.76
C SER A 77 -11.76 15.34 22.15
N ALA A 78 -11.09 16.49 22.28
CA ALA A 78 -9.66 16.47 22.58
C ALA A 78 -9.32 15.70 23.82
N ASP A 79 -10.12 15.82 24.89
CA ASP A 79 -9.81 15.16 26.12
C ASP A 79 -9.86 13.62 25.97
N TRP A 80 -10.83 13.14 25.20
CA TRP A 80 -10.98 11.74 24.93
C TRP A 80 -9.84 11.20 24.07
N LEU A 81 -9.51 11.91 22.98
CA LEU A 81 -8.37 11.49 22.22
C LEU A 81 -7.06 11.45 23.05
N ALA A 82 -6.84 12.43 23.90
CA ALA A 82 -5.69 12.45 24.82
C ALA A 82 -5.66 11.25 25.75
N ARG A 83 -6.83 10.87 26.26
CA ARG A 83 -6.89 9.73 27.16
C ARG A 83 -6.63 8.42 26.48
N VAL A 84 -7.22 8.25 25.30
CA VAL A 84 -6.93 7.07 24.47
C VAL A 84 -5.45 6.95 24.21
N LYS A 85 -4.81 8.08 23.85
CA LYS A 85 -3.37 8.07 23.60
C LYS A 85 -2.57 7.70 24.90
N GLU A 86 -2.99 8.17 26.08
CA GLU A 86 -2.34 7.83 27.35
C GLU A 86 -2.36 6.32 27.59
N VAL A 87 -3.48 5.67 27.28
CA VAL A 87 -3.63 4.25 27.51
C VAL A 87 -2.80 3.44 26.53
N VAL A 88 -2.84 3.86 25.25
CA VAL A 88 -1.99 3.22 24.23
C VAL A 88 -0.53 3.37 24.73
N ASP A 89 -0.15 4.58 25.19
CA ASP A 89 1.21 4.82 25.60
C ASP A 89 1.65 3.99 26.79
N TYR A 90 0.74 3.60 27.71
CA TYR A 90 1.11 2.61 28.73
C TYR A 90 1.72 1.32 28.10
N ALA A 91 1.10 0.88 27.01
CA ALA A 91 1.53 -0.29 26.32
C ALA A 91 2.84 -0.05 25.55
N VAL A 92 2.91 1.06 24.86
CA VAL A 92 4.18 1.48 24.14
C VAL A 92 5.37 1.52 25.10
N ASN A 93 5.14 2.00 26.30
CA ASN A 93 6.19 2.10 27.33
C ASN A 93 6.78 0.77 27.70
N ASP A 94 6.01 -0.27 27.49
CA ASP A 94 6.39 -1.63 27.82
C ASP A 94 6.77 -2.48 26.60
N GLY A 95 6.79 -1.87 25.46
CA GLY A 95 7.20 -2.56 24.22
C GLY A 95 6.23 -3.59 23.69
N MSE A 96 4.97 -3.37 24.01
CA MSE A 96 3.89 -4.32 23.70
C MSE A 96 3.38 -4.14 22.27
O MSE A 96 3.52 -3.07 21.67
CB MSE A 96 2.72 -4.14 24.67
CG MSE A 96 3.12 -4.49 26.08
SE MSE A 96 1.66 -4.13 27.33
CE MSE A 96 0.62 -5.73 27.09
N TYR A 97 2.84 -5.26 21.72
CA TYR A 97 2.02 -5.22 20.52
C TYR A 97 0.64 -4.73 20.93
N ILE A 98 0.01 -3.94 20.08
CA ILE A 98 -1.19 -3.21 20.46
C ILE A 98 -2.21 -3.25 19.35
N ILE A 99 -3.46 -3.44 19.70
CA ILE A 99 -4.54 -3.16 18.78
C ILE A 99 -5.44 -2.11 19.35
N LEU A 100 -5.62 -1.06 18.56
CA LEU A 100 -6.63 -0.02 18.80
C LEU A 100 -7.83 -0.25 17.85
N ASP A 101 -9.03 -0.39 18.40
CA ASP A 101 -10.20 -0.51 17.57
C ASP A 101 -11.17 0.67 17.68
N THR A 102 -12.25 0.62 16.90
CA THR A 102 -13.51 1.26 17.32
C THR A 102 -14.39 0.10 17.79
N HIS A 103 -15.31 0.37 18.70
CA HIS A 103 -15.94 -0.68 19.45
C HIS A 103 -17.49 -0.61 19.36
N HIS A 104 -18.18 -0.14 20.39
CA HIS A 104 -19.64 -0.21 20.43
C HIS A 104 -20.30 0.93 19.61
N GLU A 105 -19.63 1.31 18.53
CA GLU A 105 -20.21 2.20 17.53
C GLU A 105 -21.55 1.66 17.00
N THR A 106 -21.66 0.35 17.11
CA THR A 106 -22.82 -0.45 16.70
C THR A 106 -24.08 -0.15 17.56
N ASN A 107 -23.92 0.48 18.76
CA ASN A 107 -25.09 0.89 19.57
C ASN A 107 -25.61 2.25 19.06
N TYR A 108 -24.84 2.92 18.18
CA TYR A 108 -25.02 4.34 17.86
C TYR A 108 -25.22 4.43 16.35
N TRP A 109 -24.19 4.85 15.63
CA TRP A 109 -24.28 5.14 14.22
C TRP A 109 -23.96 3.97 13.29
N LEU A 110 -23.22 2.96 13.80
CA LEU A 110 -22.70 1.89 12.96
C LEU A 110 -23.72 0.75 12.88
N LYS A 111 -24.79 1.00 12.14
CA LYS A 111 -25.90 0.07 11.92
C LYS A 111 -25.87 -0.24 10.43
N THR A 112 -25.66 -1.52 10.06
CA THR A 112 -25.32 -1.90 8.68
C THR A 112 -26.51 -1.97 7.72
N ASP A 113 -27.16 -0.83 7.50
CA ASP A 113 -28.19 -0.72 6.51
C ASP A 113 -27.54 -0.41 5.19
N PRO A 114 -27.68 -1.33 4.22
CA PRO A 114 -26.98 -1.09 2.93
C PRO A 114 -27.44 0.20 2.22
N ASN A 115 -28.63 0.68 2.53
CA ASN A 115 -29.08 1.91 1.93
C ASN A 115 -28.43 3.12 2.49
N ASN A 116 -27.69 2.97 3.55
CA ASN A 116 -27.01 4.10 4.20
C ASN A 116 -25.50 4.04 4.03
N GLU A 117 -25.06 3.42 2.94
CA GLU A 117 -23.62 3.14 2.80
C GLU A 117 -22.75 4.42 2.86
N ALA A 118 -23.16 5.47 2.16
CA ALA A 118 -22.31 6.63 2.09
C ALA A 118 -22.09 7.21 3.46
N ALA A 119 -23.16 7.47 4.23
CA ALA A 119 -23.02 8.04 5.55
C ALA A 119 -22.16 7.18 6.45
N LEU A 120 -22.32 5.86 6.34
CA LEU A 120 -21.52 4.91 7.14
C LEU A 120 -20.02 4.93 6.81
N CYS A 121 -19.71 4.87 5.52
CA CYS A 121 -18.37 4.93 5.09
C CYS A 121 -17.69 6.25 5.49
N GLU A 122 -18.42 7.34 5.31
CA GLU A 122 -17.88 8.66 5.54
C GLU A 122 -17.59 8.87 7.04
N GLU A 123 -18.51 8.39 7.88
CA GLU A 123 -18.30 8.52 9.33
C GLU A 123 -17.05 7.67 9.75
N LEU A 124 -17.00 6.44 9.31
CA LEU A 124 -15.86 5.56 9.66
C LEU A 124 -14.53 6.18 9.23
N ALA A 125 -14.49 6.69 8.02
CA ALA A 125 -13.28 7.31 7.48
C ALA A 125 -12.91 8.58 8.26
N ALA A 126 -13.91 9.41 8.60
CA ALA A 126 -13.63 10.57 9.35
C ALA A 126 -13.01 10.33 10.73
N ILE A 127 -13.45 9.24 11.40
CA ILE A 127 -12.96 8.92 12.72
C ILE A 127 -11.52 8.40 12.49
N TRP A 128 -11.33 7.49 11.52
CA TRP A 128 -10.04 6.87 11.32
C TRP A 128 -9.00 7.84 10.81
N LYS A 129 -9.40 8.84 10.00
CA LYS A 129 -8.41 9.86 9.61
C LYS A 129 -7.82 10.52 10.86
N GLN A 130 -8.69 10.86 11.84
CA GLN A 130 -8.25 11.50 13.05
C GLN A 130 -7.37 10.61 13.90
N LEU A 131 -7.78 9.35 14.02
CA LEU A 131 -6.98 8.38 14.83
C LEU A 131 -5.63 8.15 14.19
N ALA A 132 -5.62 7.92 12.88
CA ALA A 132 -4.40 7.72 12.16
C ALA A 132 -3.48 8.97 12.28
N GLU A 133 -4.01 10.17 12.16
CA GLU A 133 -3.18 11.38 12.30
C GLU A 133 -2.55 11.35 13.74
N ALA A 134 -3.33 11.03 14.76
CA ALA A 134 -2.86 11.13 16.11
C ALA A 134 -1.76 10.15 16.40
N PHE A 135 -1.84 8.98 15.78
CA PHE A 135 -0.92 7.87 16.03
C PHE A 135 0.06 7.64 14.87
N LYS A 136 0.21 8.65 14.01
CA LYS A 136 1.01 8.53 12.79
C LYS A 136 2.48 8.06 13.06
N ASP A 137 3.08 8.56 14.12
CA ASP A 137 4.50 8.37 14.40
C ASP A 137 4.76 7.11 15.22
N TYR A 138 3.70 6.37 15.56
CA TYR A 138 3.84 5.17 16.40
C TYR A 138 4.35 4.04 15.52
N ASP A 139 5.16 3.16 16.10
CA ASP A 139 5.81 2.10 15.34
C ASP A 139 4.89 0.92 14.97
N GLU A 140 5.50 -0.07 14.28
CA GLU A 140 4.74 -1.14 13.68
C GLU A 140 4.07 -2.12 14.71
N LYS A 141 4.44 -2.01 15.98
CA LYS A 141 3.84 -2.82 16.99
C LYS A 141 2.36 -2.35 17.27
N LEU A 142 2.02 -1.13 16.88
CA LEU A 142 0.63 -0.63 17.00
C LEU A 142 -0.11 -0.95 15.67
N MSE A 143 -1.25 -1.66 15.81
CA MSE A 143 -2.11 -2.07 14.73
C MSE A 143 -3.47 -1.49 14.96
O MSE A 143 -3.86 -1.18 16.13
CB MSE A 143 -2.17 -3.59 14.78
CG MSE A 143 -0.79 -4.22 14.71
SE MSE A 143 -0.85 -6.20 14.63
CE MSE A 143 -1.12 -6.61 16.50
N PHE A 144 -4.21 -1.23 13.87
CA PHE A 144 -5.54 -0.67 13.93
C PHE A 144 -6.54 -1.72 13.44
N GLU A 145 -7.65 -1.83 14.17
CA GLU A 145 -8.76 -2.72 13.81
C GLU A 145 -10.00 -1.85 13.60
N GLY A 146 -10.43 -1.76 12.33
CA GLY A 146 -11.33 -0.70 11.92
C GLY A 146 -12.69 -0.66 12.63
N MSE A 147 -13.25 -1.86 12.88
CA MSE A 147 -14.59 -2.03 13.42
C MSE A 147 -14.59 -3.23 14.33
O MSE A 147 -13.74 -4.14 14.22
CB MSE A 147 -15.66 -2.26 12.31
CG MSE A 147 -15.64 -1.13 11.30
SE MSE A 147 -17.00 -1.47 9.90
CE MSE A 147 -15.98 -2.67 8.76
N ASN A 148 -15.61 -3.26 15.19
CA ASN A 148 -15.86 -4.40 16.11
C ASN A 148 -17.26 -4.91 15.90
N GLU A 149 -17.36 -6.15 15.43
CA GLU A 149 -18.63 -6.80 15.23
C GLU A 149 -19.68 -5.99 14.47
N PRO A 150 -19.26 -5.33 13.39
CA PRO A 150 -20.21 -4.46 12.68
C PRO A 150 -21.43 -5.26 12.20
N ARG A 151 -22.63 -4.74 12.42
CA ARG A 151 -23.84 -5.50 12.19
C ARG A 151 -25.05 -4.59 12.34
N MSE A 152 -26.25 -5.16 12.16
CA MSE A 152 -27.52 -4.46 12.44
C MSE A 152 -28.07 -5.16 13.70
O MSE A 152 -28.68 -6.26 13.63
CB MSE A 152 -28.53 -4.60 11.28
CB MSE A 152 -28.59 -4.41 11.34
CG MSE A 152 -29.90 -4.07 11.69
CG MSE A 152 -29.65 -3.35 11.73
SE MSE A 152 -29.83 -2.12 11.74
SE MSE A 152 -30.85 -3.47 10.18
CE MSE A 152 -29.52 -1.92 13.65
CE MSE A 152 -29.55 -3.78 8.62
N ALA A 153 -27.88 -4.54 14.86
CA ALA A 153 -28.37 -5.11 16.09
C ALA A 153 -29.88 -5.30 16.04
N GLY A 154 -30.28 -6.49 16.47
CA GLY A 154 -31.67 -6.90 16.50
C GLY A 154 -32.19 -7.56 15.25
N SER A 155 -31.37 -7.65 14.20
CA SER A 155 -31.79 -8.27 12.96
C SER A 155 -31.73 -9.77 13.06
N ALA A 156 -32.52 -10.45 12.23
CA ALA A 156 -32.59 -11.90 12.24
C ALA A 156 -31.21 -12.53 12.17
N LYS A 157 -30.35 -12.01 11.31
CA LYS A 157 -29.01 -12.60 11.05
C LYS A 157 -27.87 -11.86 11.73
N GLU A 158 -28.18 -11.08 12.75
CA GLU A 158 -27.19 -10.34 13.51
C GLU A 158 -25.97 -11.16 13.87
N TRP A 159 -26.20 -12.39 14.34
CA TRP A 159 -25.12 -13.25 14.81
C TRP A 159 -24.82 -14.41 13.92
N SER A 160 -25.33 -14.43 12.70
CA SER A 160 -25.00 -15.48 11.76
C SER A 160 -24.42 -14.93 10.48
N GLY A 161 -23.67 -13.82 10.56
CA GLY A 161 -23.00 -13.25 9.36
C GLY A 161 -23.81 -12.34 8.47
N GLY A 162 -25.01 -11.97 8.91
CA GLY A 162 -25.80 -10.99 8.19
C GLY A 162 -26.40 -11.50 6.89
N THR A 163 -26.83 -10.55 6.06
CA THR A 163 -27.38 -10.83 4.76
C THR A 163 -26.32 -10.54 3.68
N PRO A 164 -26.53 -11.05 2.45
CA PRO A 164 -25.55 -10.81 1.41
C PRO A 164 -25.33 -9.33 1.14
N ALA A 165 -26.41 -8.51 1.17
CA ALA A 165 -26.21 -7.06 0.95
C ALA A 165 -25.35 -6.41 2.08
N GLU A 166 -25.58 -6.87 3.29
CA GLU A 166 -24.82 -6.38 4.43
C GLU A 166 -23.34 -6.73 4.29
N ARG A 167 -23.06 -7.94 3.84
CA ARG A 167 -21.70 -8.34 3.66
C ARG A 167 -21.00 -7.53 2.56
N LYS A 168 -21.71 -7.16 1.47
CA LYS A 168 -21.19 -6.19 0.50
C LYS A 168 -20.82 -4.84 1.17
N LEU A 169 -21.70 -4.35 2.05
CA LEU A 169 -21.48 -3.10 2.78
C LEU A 169 -20.24 -3.23 3.67
N ILE A 170 -20.06 -4.38 4.31
CA ILE A 170 -18.86 -4.59 5.17
C ILE A 170 -17.61 -4.45 4.31
N ASN A 171 -17.64 -5.06 3.12
CA ASN A 171 -16.48 -4.91 2.24
C ASN A 171 -16.16 -3.44 1.88
N ALA A 172 -17.21 -2.65 1.60
CA ALA A 172 -17.05 -1.24 1.31
C ALA A 172 -16.48 -0.48 2.53
N MSE A 173 -16.95 -0.83 3.70
CA MSE A 173 -16.54 -0.17 4.96
C MSE A 173 -15.06 -0.50 5.23
O MSE A 173 -14.30 0.36 5.65
CB MSE A 173 -17.45 -0.48 6.17
CG MSE A 173 -18.81 0.18 5.90
SE MSE A 173 -20.04 -0.11 7.41
CE MSE A 173 -19.36 1.29 8.61
N ASN A 174 -14.68 -1.78 5.08
CA ASN A 174 -13.26 -2.20 5.28
C ASN A 174 -12.36 -1.32 4.36
N LYS A 175 -12.78 -1.14 3.10
CA LYS A 175 -12.01 -0.33 2.14
C LYS A 175 -11.91 1.09 2.55
N ALA A 176 -12.99 1.62 3.11
CA ALA A 176 -13.03 3.02 3.51
C ALA A 176 -12.02 3.27 4.65
N PHE A 177 -11.99 2.31 5.57
CA PHE A 177 -11.13 2.32 6.70
C PHE A 177 -9.66 2.31 6.26
N ILE A 178 -9.31 1.36 5.39
CA ILE A 178 -7.95 1.27 4.87
C ILE A 178 -7.57 2.52 4.13
N ASP A 179 -8.44 2.97 3.24
CA ASP A 179 -8.14 4.19 2.46
C ASP A 179 -7.85 5.42 3.37
N ALA A 180 -8.68 5.63 4.39
CA ALA A 180 -8.58 6.76 5.24
C ALA A 180 -7.26 6.73 5.97
N VAL A 181 -6.88 5.56 6.45
CA VAL A 181 -5.63 5.45 7.22
C VAL A 181 -4.41 5.61 6.32
N ARG A 182 -4.38 4.91 5.17
CA ARG A 182 -3.26 5.07 4.28
C ARG A 182 -3.04 6.51 3.76
N ALA A 183 -4.15 7.24 3.56
CA ALA A 183 -4.05 8.58 3.10
C ALA A 183 -3.40 9.52 4.13
N THR A 184 -3.20 9.09 5.37
CA THR A 184 -2.53 9.97 6.32
C THR A 184 -1.03 9.81 6.31
N GLY A 185 -0.52 8.80 5.61
CA GLY A 185 0.92 8.67 5.46
C GLY A 185 1.69 8.35 6.73
N GLY A 186 2.95 8.70 6.76
CA GLY A 186 3.87 8.35 7.86
C GLY A 186 3.90 6.85 8.05
N ASN A 187 3.99 6.44 9.30
CA ASN A 187 4.04 5.01 9.62
C ASN A 187 2.69 4.33 9.32
N ASN A 188 1.65 5.14 9.06
CA ASN A 188 0.41 4.56 8.63
C ASN A 188 0.41 4.04 7.19
N ALA A 189 1.48 4.28 6.42
CA ALA A 189 1.55 3.76 5.07
C ALA A 189 1.58 2.23 5.02
N ASP A 190 2.22 1.64 6.04
CA ASP A 190 2.41 0.21 6.11
C ASP A 190 2.07 -0.43 7.46
N ARG A 191 1.41 0.33 8.35
CA ARG A 191 0.88 -0.23 9.57
C ARG A 191 -0.04 -1.40 9.28
N VAL A 192 -0.02 -2.42 10.14
CA VAL A 192 -0.98 -3.49 9.98
C VAL A 192 -2.40 -2.93 10.26
N LEU A 193 -3.30 -3.15 9.27
CA LEU A 193 -4.67 -2.79 9.41
C LEU A 193 -5.53 -4.03 9.41
N ILE A 194 -6.45 -4.12 10.37
CA ILE A 194 -7.11 -5.37 10.67
C ILE A 194 -8.60 -5.16 10.34
N ILE A 195 -8.99 -5.77 9.25
CA ILE A 195 -10.34 -5.69 8.75
C ILE A 195 -11.15 -6.82 9.40
N CYS A 196 -12.44 -6.92 9.07
CA CYS A 196 -13.27 -7.95 9.68
C CYS A 196 -14.39 -8.39 8.77
N THR A 197 -14.98 -9.53 9.13
CA THR A 197 -16.23 -9.96 8.58
C THR A 197 -17.43 -9.31 9.30
N TYR A 198 -18.60 -9.46 8.71
CA TYR A 198 -19.85 -9.03 9.35
C TYR A 198 -19.90 -9.71 10.73
N GLY A 199 -20.13 -8.93 11.79
CA GLY A 199 -20.18 -9.50 13.14
C GLY A 199 -18.93 -10.17 13.68
N HIS A 200 -17.78 -10.01 13.00
CA HIS A 200 -16.62 -10.83 13.23
C HIS A 200 -16.94 -12.36 13.16
N ASN A 201 -17.98 -12.70 12.41
CA ASN A 201 -18.47 -14.09 12.21
C ASN A 201 -17.55 -14.85 11.24
N SER A 202 -17.39 -16.14 11.52
CA SER A 202 -16.53 -17.05 10.74
C SER A 202 -17.25 -18.24 10.05
N ASP A 203 -18.56 -18.15 9.92
CA ASP A 203 -19.33 -19.16 9.16
C ASP A 203 -18.90 -19.10 7.70
N GLU A 204 -19.07 -20.23 7.02
CA GLU A 204 -18.62 -20.37 5.65
C GLU A 204 -19.17 -19.28 4.70
N PRO A 205 -20.52 -19.03 4.72
CA PRO A 205 -21.03 -18.01 3.83
C PRO A 205 -20.40 -16.61 4.09
N THR A 206 -20.11 -16.30 5.37
CA THR A 206 -19.56 -15.00 5.72
C THR A 206 -18.13 -14.87 5.20
N LEU A 207 -17.35 -15.95 5.29
CA LEU A 207 -15.97 -15.89 4.80
C LEU A 207 -15.95 -15.88 3.28
N LYS A 208 -16.80 -16.70 2.64
CA LYS A 208 -16.92 -16.75 1.18
C LYS A 208 -17.17 -15.34 0.61
N ASP A 209 -17.88 -14.48 1.31
CA ASP A 209 -18.19 -13.16 0.76
C ASP A 209 -17.18 -12.08 1.09
N LEU A 210 -16.19 -12.37 1.90
CA LEU A 210 -15.25 -11.34 2.35
C LEU A 210 -14.27 -11.01 1.25
N GLU A 211 -14.24 -9.75 0.86
CA GLU A 211 -13.24 -9.28 -0.12
C GLU A 211 -11.92 -9.09 0.53
N ILE A 212 -10.87 -9.60 -0.10
CA ILE A 212 -9.54 -9.46 0.48
C ILE A 212 -8.85 -8.28 -0.21
N PRO A 213 -8.47 -7.25 0.54
CA PRO A 213 -7.77 -6.14 -0.07
C PRO A 213 -6.45 -6.51 -0.72
N SER A 214 -6.13 -5.83 -1.83
CA SER A 214 -4.81 -5.99 -2.42
C SER A 214 -3.69 -5.39 -1.52
N ASP A 215 -4.02 -4.51 -0.58
CA ASP A 215 -3.01 -3.94 0.34
C ASP A 215 -2.32 -5.11 1.05
N PRO A 216 -0.99 -5.14 1.01
CA PRO A 216 -0.26 -6.31 1.57
C PRO A 216 -0.10 -6.29 3.07
N ASN A 217 -0.48 -5.15 3.68
CA ASN A 217 -0.34 -4.93 5.12
C ASN A 217 -1.65 -4.94 5.89
N ILE A 218 -2.42 -5.99 5.63
CA ILE A 218 -3.65 -6.20 6.31
C ILE A 218 -3.71 -7.55 6.99
N ALA A 219 -4.65 -7.67 7.92
CA ALA A 219 -5.02 -8.97 8.51
C ALA A 219 -6.54 -8.97 8.66
N VAL A 220 -7.08 -10.17 8.83
CA VAL A 220 -8.49 -10.40 9.04
C VAL A 220 -8.76 -10.87 10.50
N ALA A 221 -9.62 -10.14 11.20
CA ALA A 221 -10.02 -10.38 12.55
C ALA A 221 -11.36 -11.15 12.54
N LEU A 222 -11.37 -12.15 13.43
CA LEU A 222 -12.54 -12.95 13.78
C LEU A 222 -12.71 -13.03 15.27
N HIS A 223 -13.93 -13.31 15.73
CA HIS A 223 -14.16 -13.61 17.11
C HIS A 223 -14.75 -15.00 17.20
N THR A 224 -14.10 -15.86 18.00
CA THR A 224 -14.43 -17.25 18.03
C THR A 224 -14.46 -17.75 19.46
N TYR A 225 -15.55 -17.44 20.10
CA TYR A 225 -15.80 -17.98 21.47
C TYR A 225 -16.43 -19.38 21.41
N THR A 226 -15.68 -20.31 20.84
CA THR A 226 -16.23 -21.56 20.35
C THR A 226 -15.84 -22.72 21.26
N PRO A 227 -16.82 -23.55 21.63
CA PRO A 227 -18.27 -23.46 21.28
C PRO A 227 -19.00 -22.51 22.25
N TYR A 228 -20.00 -21.82 21.71
CA TYR A 228 -20.79 -20.87 22.42
C TYR A 228 -21.38 -21.42 23.69
N PHE A 229 -21.86 -22.64 23.61
CA PHE A 229 -22.50 -23.25 24.82
C PHE A 229 -21.57 -23.59 25.96
N PHE A 230 -20.27 -23.68 25.66
CA PHE A 230 -19.28 -23.80 26.72
C PHE A 230 -18.88 -22.43 27.28
N THR A 231 -18.67 -21.46 26.37
CA THR A 231 -18.05 -20.20 26.76
C THR A 231 -19.01 -19.17 27.37
N TYR A 232 -20.28 -19.30 26.95
CA TYR A 232 -21.40 -18.43 27.43
C TYR A 232 -22.42 -19.17 28.28
N VAL A 233 -23.23 -18.42 28.99
CA VAL A 233 -24.36 -18.97 29.74
C VAL A 233 -25.64 -18.74 28.92
N ALA A 234 -26.36 -19.82 28.62
CA ALA A 234 -27.56 -19.79 27.76
C ALA A 234 -28.31 -21.09 27.96
N ASP A 235 -29.53 -21.19 27.37
CA ASP A 235 -30.32 -22.37 27.43
C ASP A 235 -29.57 -23.36 26.57
N GLY A 236 -29.12 -24.44 27.18
CA GLY A 236 -28.30 -25.47 26.48
C GLY A 236 -26.83 -25.44 26.86
N SER A 237 -26.44 -24.44 27.67
CA SER A 237 -25.02 -24.28 27.98
C SER A 237 -24.49 -25.31 28.95
N TYR A 238 -23.20 -25.51 28.98
CA TYR A 238 -22.62 -26.52 29.88
C TYR A 238 -21.27 -26.00 30.36
N SER A 239 -20.75 -26.57 31.45
CA SER A 239 -19.49 -26.20 32.02
C SER A 239 -18.41 -27.25 31.98
N VAL A 240 -18.72 -28.42 31.45
CA VAL A 240 -17.77 -29.50 31.39
C VAL A 240 -17.07 -29.50 30.04
N TRP A 241 -15.77 -29.76 30.07
CA TRP A 241 -14.98 -29.89 28.86
C TRP A 241 -14.21 -31.17 28.89
N ASN A 242 -14.72 -32.17 28.16
CA ASN A 242 -13.98 -33.39 28.04
C ASN A 242 -13.45 -33.71 26.67
N GLY A 243 -13.51 -32.79 25.73
CA GLY A 243 -13.00 -33.07 24.42
C GLY A 243 -14.03 -33.40 23.40
N SER A 244 -15.19 -33.84 23.87
CA SER A 244 -16.21 -34.36 22.97
C SER A 244 -16.75 -33.32 21.99
N LYS A 245 -16.67 -32.04 22.36
CA LYS A 245 -17.12 -30.95 21.47
C LYS A 245 -15.96 -30.25 20.78
N LYS A 246 -14.77 -30.87 20.77
CA LYS A 246 -13.61 -30.25 20.08
C LYS A 246 -13.91 -30.08 18.57
N ASN A 247 -14.68 -31.01 18.04
CA ASN A 247 -15.16 -30.92 16.62
C ASN A 247 -15.78 -29.54 16.26
N ASP A 248 -16.46 -28.90 17.21
CA ASP A 248 -17.03 -27.57 16.95
C ASP A 248 -15.89 -26.59 16.64
N ILE A 249 -14.80 -26.72 17.41
CA ILE A 249 -13.64 -25.86 17.21
C ILE A 249 -12.98 -26.16 15.86
N THR A 250 -12.76 -27.46 15.64
CA THR A 250 -12.11 -27.95 14.40
C THR A 250 -12.81 -27.58 13.11
N TRP A 251 -14.11 -27.79 13.07
CA TRP A 251 -14.95 -27.55 11.86
C TRP A 251 -14.88 -26.09 11.50
N GLN A 252 -15.04 -25.23 12.50
CA GLN A 252 -15.01 -23.79 12.26
C GLN A 252 -13.61 -23.37 11.79
N TYR A 253 -12.58 -23.84 12.51
CA TYR A 253 -11.21 -23.54 12.10
C TYR A 253 -10.87 -24.04 10.70
N ASN A 254 -11.42 -25.17 10.28
CA ASN A 254 -11.14 -25.61 8.91
C ASN A 254 -11.69 -24.66 7.87
N ASN A 255 -12.76 -23.96 8.18
CA ASN A 255 -13.22 -22.92 7.28
C ASN A 255 -12.30 -21.71 7.26
N ILE A 256 -11.81 -21.31 8.42
CA ILE A 256 -10.83 -20.24 8.51
C ILE A 256 -9.57 -20.61 7.68
N LYS A 257 -9.13 -21.86 7.79
CA LYS A 257 -8.03 -22.38 6.98
C LYS A 257 -8.33 -22.31 5.45
N LYS A 258 -9.50 -22.83 5.05
CA LYS A 258 -9.87 -22.90 3.64
C LYS A 258 -9.86 -21.51 3.03
N TYR A 259 -10.46 -20.55 3.70
CA TYR A 259 -10.68 -19.26 3.04
C TYR A 259 -9.62 -18.21 3.30
N LEU A 260 -8.81 -18.39 4.35
CA LEU A 260 -7.85 -17.38 4.78
C LEU A 260 -6.44 -17.95 4.92
N ILE A 261 -6.24 -18.84 5.87
CA ILE A 261 -4.88 -19.23 6.24
C ILE A 261 -4.23 -19.89 5.04
N ASP A 262 -4.95 -20.79 4.39
CA ASP A 262 -4.32 -21.56 3.27
C ASP A 262 -4.23 -20.78 1.94
N LYS A 263 -4.80 -19.59 1.97
CA LYS A 263 -4.58 -18.65 0.94
C LYS A 263 -3.53 -17.62 1.31
N GLY A 264 -2.86 -17.80 2.43
CA GLY A 264 -1.79 -16.87 2.83
C GLY A 264 -2.21 -15.51 3.37
N ILE A 265 -3.45 -15.45 3.87
CA ILE A 265 -4.01 -14.21 4.41
C ILE A 265 -3.87 -14.25 5.95
N PRO A 266 -3.21 -13.23 6.55
CA PRO A 266 -3.08 -13.21 7.98
C PRO A 266 -4.45 -13.16 8.69
N VAL A 267 -4.59 -13.99 9.73
CA VAL A 267 -5.75 -14.02 10.57
C VAL A 267 -5.38 -13.82 12.02
N VAL A 268 -6.17 -13.02 12.70
CA VAL A 268 -6.01 -12.71 14.12
C VAL A 268 -7.38 -12.90 14.81
N ILE A 269 -7.41 -13.71 15.87
CA ILE A 269 -8.61 -13.85 16.72
C ILE A 269 -8.59 -12.73 17.79
N THR A 270 -9.34 -11.64 17.56
CA THR A 270 -9.21 -10.50 18.41
C THR A 270 -10.03 -10.56 19.67
N GLU A 271 -10.93 -11.56 19.76
CA GLU A 271 -11.61 -11.88 21.04
C GLU A 271 -11.95 -13.38 21.07
N THR A 272 -11.68 -13.95 22.23
CA THR A 272 -12.17 -15.24 22.64
C THR A 272 -12.02 -15.32 24.17
N GLY A 273 -12.46 -16.43 24.76
CA GLY A 273 -12.43 -16.61 26.21
C GLY A 273 -13.60 -17.49 26.65
N ALA A 274 -13.63 -17.86 27.94
CA ALA A 274 -14.71 -18.68 28.48
C ALA A 274 -15.14 -18.09 29.81
N GLN A 275 -16.43 -17.90 29.98
CA GLN A 275 -16.92 -17.40 31.22
C GLN A 275 -16.68 -18.44 32.33
N PHE A 276 -16.25 -17.92 33.45
CA PHE A 276 -15.96 -18.72 34.63
C PHE A 276 -17.22 -19.30 35.23
N LYS A 277 -17.30 -20.63 35.28
CA LYS A 277 -18.51 -21.35 35.75
C LYS A 277 -18.13 -22.37 36.83
N GLU A 278 -17.23 -21.94 37.74
CA GLU A 278 -16.71 -22.76 38.85
C GLU A 278 -16.15 -24.05 38.27
N ASN A 279 -15.39 -23.89 37.19
CA ASN A 279 -15.02 -24.99 36.34
C ASN A 279 -13.60 -24.81 35.83
N THR A 280 -12.70 -24.46 36.74
CA THR A 280 -11.32 -24.18 36.38
C THR A 280 -10.69 -25.25 35.51
N GLU A 281 -10.78 -26.49 35.96
CA GLU A 281 -10.12 -27.61 35.21
C GLU A 281 -10.69 -27.77 33.79
N ASP A 282 -12.01 -27.53 33.64
CA ASP A 282 -12.60 -27.60 32.32
C ASP A 282 -12.14 -26.49 31.38
N ILE A 283 -12.07 -25.29 31.94
CA ILE A 283 -11.55 -24.20 31.13
C ILE A 283 -10.08 -24.44 30.72
N VAL A 284 -9.22 -24.89 31.66
CA VAL A 284 -7.88 -25.28 31.28
C VAL A 284 -7.85 -26.26 30.11
N ARG A 285 -8.66 -27.32 30.16
CA ARG A 285 -8.73 -28.26 29.05
C ARG A 285 -9.22 -27.63 27.75
N TRP A 286 -10.21 -26.76 27.84
CA TRP A 286 -10.73 -26.09 26.66
C TRP A 286 -9.64 -25.23 26.01
N ILE A 287 -8.86 -24.52 26.83
CA ILE A 287 -7.77 -23.65 26.27
C ILE A 287 -6.75 -24.49 25.52
N GLY A 288 -6.43 -25.66 26.10
CA GLY A 288 -5.57 -26.61 25.38
C GLY A 288 -6.08 -26.94 24.00
N ASP A 289 -7.36 -27.26 23.91
CA ASP A 289 -7.95 -27.66 22.64
C ASP A 289 -8.13 -26.50 21.69
N TYR A 290 -8.51 -25.36 22.26
CA TYR A 290 -8.83 -24.17 21.46
C TYR A 290 -7.55 -23.45 21.00
N VAL A 291 -6.72 -23.03 21.94
CA VAL A 291 -5.46 -22.36 21.59
C VAL A 291 -4.53 -23.30 20.86
N GLY A 292 -4.51 -24.56 21.30
CA GLY A 292 -3.77 -25.59 20.55
C GLY A 292 -4.12 -25.72 19.04
N THR A 293 -5.39 -25.52 18.74
CA THR A 293 -5.87 -25.54 17.39
C THR A 293 -5.27 -24.32 16.62
N LEU A 294 -5.32 -23.13 17.23
CA LEU A 294 -4.74 -21.91 16.62
C LEU A 294 -3.25 -22.03 16.39
N ASP A 295 -2.58 -22.64 17.37
CA ASP A 295 -1.12 -22.77 17.33
C ASP A 295 -0.63 -23.62 16.16
N GLN A 296 -1.47 -24.46 15.63
CA GLN A 296 -1.03 -25.30 14.49
C GLN A 296 -0.56 -24.45 13.34
N ASP A 297 -1.17 -23.28 13.16
CA ASP A 297 -0.79 -22.40 12.06
C ASP A 297 -0.23 -21.05 12.56
N GLY A 298 0.16 -21.00 13.82
CA GLY A 298 0.69 -19.78 14.44
C GLY A 298 -0.28 -18.61 14.47
N VAL A 299 -1.56 -18.91 14.56
CA VAL A 299 -2.58 -17.85 14.66
C VAL A 299 -2.65 -17.40 16.10
N LYS A 300 -2.67 -16.09 16.29
CA LYS A 300 -2.69 -15.48 17.61
C LYS A 300 -4.11 -15.09 18.03
N CYS A 301 -4.33 -15.07 19.33
CA CYS A 301 -5.60 -14.65 19.86
C CYS A 301 -5.39 -13.66 20.99
N PHE A 302 -6.47 -12.92 21.24
CA PHE A 302 -6.57 -11.96 22.32
C PHE A 302 -7.75 -12.31 23.21
N ILE A 303 -7.51 -12.47 24.50
CA ILE A 303 -8.55 -12.95 25.44
C ILE A 303 -9.37 -11.76 25.94
N TRP A 304 -10.70 -11.89 25.92
CA TRP A 304 -11.57 -10.87 26.45
C TRP A 304 -11.57 -10.83 28.02
N ASP A 305 -11.18 -9.70 28.60
CA ASP A 305 -11.13 -9.53 30.01
C ASP A 305 -11.86 -8.27 30.44
N ASN A 306 -13.04 -8.51 31.05
CA ASN A 306 -13.89 -7.42 31.52
C ASN A 306 -13.84 -7.07 33.00
N ASN A 307 -12.94 -7.73 33.71
CA ASN A 307 -12.79 -7.58 35.18
C ASN A 307 -14.02 -8.02 35.96
N ILE A 308 -14.81 -8.94 35.39
CA ILE A 308 -15.97 -9.49 36.11
C ILE A 308 -15.65 -10.94 36.44
N TYR A 309 -15.64 -11.28 37.74
CA TYR A 309 -15.33 -12.64 38.16
C TYR A 309 -16.20 -13.05 39.36
N HIS A 310 -16.18 -12.28 40.43
CA HIS A 310 -16.91 -12.66 41.61
C HIS A 310 -18.33 -12.14 41.58
N GLY A 311 -18.56 -11.02 40.92
CA GLY A 311 -19.89 -10.44 40.89
C GLY A 311 -20.68 -10.90 39.71
N ASN A 312 -21.89 -10.34 39.57
CA ASN A 312 -22.81 -10.74 38.48
C ASN A 312 -22.37 -10.14 37.19
N GLY A 313 -22.77 -10.78 36.08
CA GLY A 313 -22.42 -10.40 34.73
C GLY A 313 -21.65 -11.52 34.07
N GLU A 314 -21.10 -11.24 32.91
CA GLU A 314 -20.42 -12.24 32.14
C GLU A 314 -19.00 -12.41 32.71
N LYS A 315 -18.68 -13.60 33.25
CA LYS A 315 -17.52 -13.71 34.12
C LYS A 315 -16.25 -13.98 33.35
N PHE A 316 -15.88 -13.02 32.48
CA PHE A 316 -14.64 -13.18 31.67
C PHE A 316 -13.37 -12.61 32.37
N GLY A 317 -13.54 -12.05 33.58
CA GLY A 317 -12.44 -11.46 34.26
C GLY A 317 -11.25 -12.42 34.54
N LEU A 318 -10.05 -11.90 34.32
CA LEU A 318 -8.81 -12.64 34.63
C LEU A 318 -7.91 -11.87 35.57
N LEU A 319 -7.70 -10.60 35.24
CA LEU A 319 -6.93 -9.69 36.08
C LEU A 319 -7.84 -8.92 37.05
N ASN A 320 -7.61 -9.10 38.35
CA ASN A 320 -8.26 -8.26 39.36
C ASN A 320 -7.52 -6.93 39.38
N ARG A 321 -8.05 -5.97 38.64
CA ARG A 321 -7.25 -4.76 38.35
C ARG A 321 -6.96 -3.92 39.61
N SER A 322 -7.87 -3.97 40.58
CA SER A 322 -7.67 -3.17 41.80
C SER A 322 -6.59 -3.73 42.69
N LEU A 323 -6.40 -5.05 42.67
CA LEU A 323 -5.44 -5.72 43.51
C LEU A 323 -4.13 -6.02 42.79
N LEU A 324 -4.16 -5.91 41.47
CA LEU A 324 -3.04 -6.33 40.61
C LEU A 324 -2.66 -7.79 40.89
N LYS A 325 -3.70 -8.61 41.03
CA LYS A 325 -3.55 -10.05 41.19
C LYS A 325 -4.56 -10.71 40.26
N TRP A 326 -4.23 -11.94 39.82
CA TRP A 326 -5.05 -12.65 38.90
C TRP A 326 -6.16 -13.39 39.64
N TYR A 327 -7.38 -13.34 39.11
CA TYR A 327 -8.50 -14.05 39.75
C TYR A 327 -8.33 -15.58 39.80
N ASN A 328 -7.68 -16.12 38.77
CA ASN A 328 -7.59 -17.57 38.61
C ASN A 328 -6.27 -17.93 37.95
N ASP A 329 -5.25 -18.24 38.75
CA ASP A 329 -3.91 -18.38 38.16
C ASP A 329 -3.80 -19.63 37.30
N ASP A 330 -4.62 -20.65 37.55
CA ASP A 330 -4.57 -21.86 36.69
C ASP A 330 -5.07 -21.59 35.26
N ILE A 331 -6.19 -20.87 35.14
CA ILE A 331 -6.66 -20.43 33.83
C ILE A 331 -5.64 -19.57 33.11
N VAL A 332 -5.08 -18.62 33.83
CA VAL A 332 -4.12 -17.69 33.25
C VAL A 332 -2.86 -18.40 32.77
N ASP A 333 -2.37 -19.35 33.60
CA ASP A 333 -1.17 -20.11 33.25
C ASP A 333 -1.44 -20.85 31.89
N ALA A 334 -2.64 -21.44 31.75
CA ALA A 334 -2.92 -22.20 30.51
C ALA A 334 -2.84 -21.30 29.25
N TYR A 335 -3.23 -20.05 29.43
CA TYR A 335 -3.16 -19.09 28.32
C TYR A 335 -1.72 -18.69 28.03
N VAL A 336 -1.06 -18.16 29.05
CA VAL A 336 0.24 -17.61 28.77
C VAL A 336 1.32 -18.68 28.41
N ASN A 337 1.10 -19.90 28.88
CA ASN A 337 2.01 -20.98 28.61
C ASN A 337 1.56 -21.86 27.49
N HIS A 338 0.65 -21.37 26.69
CA HIS A 338 0.05 -22.19 25.66
C HIS A 338 1.05 -22.85 24.75
N ALA A 339 2.16 -22.18 24.48
CA ALA A 339 3.08 -22.74 23.55
C ALA A 339 4.08 -23.69 24.18
N ALA A 340 4.08 -23.87 25.51
CA ALA A 340 4.87 -24.94 26.19
C ALA A 340 3.96 -26.19 26.36
N ASP B 1 -3.68 -8.74 -6.55
CA ASP B 1 -4.52 -8.08 -7.58
C ASP B 1 -3.86 -6.73 -7.92
N ARG B 2 -3.31 -6.63 -9.11
CA ARG B 2 -2.74 -5.37 -9.60
C ARG B 2 -3.61 -4.71 -10.68
N SER B 3 -4.88 -5.09 -10.75
CA SER B 3 -5.69 -4.73 -11.89
C SER B 3 -5.98 -3.20 -11.97
N ARG B 4 -5.95 -2.48 -10.87
CA ARG B 4 -6.10 -1.01 -10.91
C ARG B 4 -5.06 -0.32 -11.80
N VAL B 5 -3.82 -0.81 -11.73
CA VAL B 5 -2.71 -0.23 -12.50
C VAL B 5 -2.94 -0.58 -13.97
N PHE B 6 -3.31 -1.84 -14.26
CA PHE B 6 -3.68 -2.21 -15.63
C PHE B 6 -4.85 -1.36 -16.18
N ASP B 7 -5.86 -1.08 -15.34
CA ASP B 7 -6.99 -0.28 -15.79
C ASP B 7 -6.56 1.13 -16.13
N ILE B 8 -5.70 1.71 -15.27
CA ILE B 8 -5.24 3.09 -15.53
C ILE B 8 -4.47 3.11 -16.85
N LEU B 9 -3.53 2.18 -17.00
CA LEU B 9 -2.68 2.20 -18.17
C LEU B 9 -3.47 1.94 -19.45
N SER B 10 -4.57 1.18 -19.38
CA SER B 10 -5.32 0.83 -20.57
C SER B 10 -5.93 2.05 -21.24
N ASN B 11 -6.00 3.15 -20.53
CA ASN B 11 -6.52 4.40 -21.10
C ASN B 11 -5.55 5.13 -22.03
N ILE B 12 -4.30 4.73 -22.01
CA ILE B 12 -3.28 5.35 -22.82
C ILE B 12 -3.33 4.77 -24.25
N ASN B 13 -3.34 5.65 -25.24
CA ASN B 13 -3.06 5.27 -26.63
C ASN B 13 -1.60 4.95 -26.85
N ILE B 14 -0.82 6.01 -26.80
CA ILE B 14 0.59 5.96 -26.87
C ILE B 14 1.09 7.25 -26.23
N GLY B 15 2.33 7.21 -25.72
CA GLY B 15 2.90 8.35 -25.04
C GLY B 15 4.06 9.03 -25.77
N TRP B 16 4.48 10.16 -25.21
CA TRP B 16 5.45 11.05 -25.81
C TRP B 16 6.29 11.69 -24.73
N ASN B 17 7.60 11.71 -24.92
CA ASN B 17 8.50 12.31 -23.98
C ASN B 17 8.88 13.77 -24.40
N LEU B 18 8.81 14.66 -23.44
CA LEU B 18 9.31 16.05 -23.53
C LEU B 18 10.83 16.05 -23.34
N GLY B 19 11.53 15.51 -24.31
CA GLY B 19 12.95 15.24 -24.18
C GLY B 19 13.87 16.47 -24.31
N ASN B 20 15.07 16.39 -23.68
CA ASN B 20 16.07 17.44 -23.80
C ASN B 20 15.54 18.82 -23.35
N THR B 21 14.72 18.80 -22.29
CA THR B 21 13.95 19.96 -21.80
C THR B 21 14.22 20.14 -20.33
N LEU B 22 13.34 19.69 -19.44
CA LEU B 22 13.58 19.79 -18.01
C LEU B 22 14.66 18.85 -17.55
N ASP B 23 14.99 17.89 -18.42
CA ASP B 23 16.06 16.96 -18.16
C ASP B 23 17.43 17.53 -18.54
N ALA B 24 17.45 18.63 -19.27
CA ALA B 24 18.72 19.28 -19.64
C ALA B 24 19.47 19.75 -18.42
N THR B 25 20.82 19.71 -18.51
CA THR B 25 21.67 19.94 -17.33
C THR B 25 22.52 21.21 -17.38
N GLY B 26 22.32 22.06 -18.38
CA GLY B 26 22.91 23.34 -18.39
C GLY B 26 22.19 24.35 -17.51
N GLY B 27 22.82 25.51 -17.40
CA GLY B 27 22.24 26.65 -16.69
C GLY B 27 22.29 26.64 -15.18
N GLY B 28 22.91 25.63 -14.60
CA GLY B 28 23.05 25.60 -13.16
C GLY B 28 21.71 25.59 -12.40
N ASN B 29 21.68 26.32 -11.28
CA ASN B 29 20.51 26.36 -10.43
C ASN B 29 19.62 27.46 -10.92
N SER B 30 19.04 27.24 -12.08
CA SER B 30 18.19 28.21 -12.76
C SER B 30 17.11 27.50 -13.54
N VAL B 31 15.98 28.16 -13.67
CA VAL B 31 14.94 27.71 -14.61
C VAL B 31 15.40 27.74 -16.09
N ASN B 32 16.51 28.46 -16.37
CA ASN B 32 17.06 28.45 -17.70
C ASN B 32 17.67 27.11 -18.13
N ALA B 33 17.77 26.15 -17.17
CA ALA B 33 18.15 24.79 -17.56
C ALA B 33 17.26 24.22 -18.65
N GLU B 34 15.97 24.59 -18.63
CA GLU B 34 15.03 24.06 -19.57
C GLU B 34 15.40 24.30 -21.05
N THR B 35 16.03 25.45 -21.31
CA THR B 35 16.38 25.86 -22.65
C THR B 35 17.87 25.64 -22.96
N SER B 36 18.60 25.09 -22.00
CA SER B 36 20.07 24.97 -22.10
C SER B 36 20.56 24.01 -23.17
N TRP B 37 19.70 23.12 -23.64
CA TRP B 37 20.03 22.22 -24.74
C TRP B 37 19.36 22.57 -26.02
N GLY B 38 18.93 23.82 -26.12
CA GLY B 38 18.46 24.38 -27.39
C GLY B 38 16.97 24.29 -27.71
N ASN B 39 16.22 23.68 -26.81
CA ASN B 39 14.76 23.64 -26.93
C ASN B 39 14.09 24.87 -26.40
N PRO B 40 12.98 25.25 -27.05
CA PRO B 40 12.27 26.44 -26.55
C PRO B 40 11.61 26.15 -25.24
N LYS B 41 11.27 27.18 -24.50
CA LYS B 41 10.52 27.02 -23.28
C LYS B 41 9.17 26.34 -23.62
N THR B 42 8.85 25.31 -22.84
CA THR B 42 7.61 24.57 -23.09
C THR B 42 6.40 25.48 -22.82
N THR B 43 5.37 25.31 -23.64
CA THR B 43 4.14 26.09 -23.52
C THR B 43 2.91 25.15 -23.50
N GLN B 44 1.80 25.66 -23.00
CA GLN B 44 0.54 24.94 -23.11
C GLN B 44 0.25 24.43 -24.53
N GLU B 45 0.52 25.29 -25.54
CA GLU B 45 0.28 24.94 -26.88
C GLU B 45 1.12 23.75 -27.38
N ILE B 46 2.37 23.66 -26.93
CA ILE B 46 3.23 22.53 -27.32
C ILE B 46 2.56 21.24 -26.83
N VAL B 47 2.18 21.26 -25.56
CA VAL B 47 1.57 20.07 -24.90
C VAL B 47 0.22 19.75 -25.57
N ASP B 48 -0.57 20.80 -25.86
CA ASP B 48 -1.84 20.61 -26.57
C ASP B 48 -1.63 19.88 -27.90
N THR B 49 -0.55 20.25 -28.61
CA THR B 49 -0.28 19.73 -29.98
C THR B 49 0.00 18.24 -29.90
N VAL B 50 0.80 17.88 -28.89
CA VAL B 50 1.08 16.45 -28.64
C VAL B 50 -0.23 15.65 -28.39
N ASN B 51 -1.03 16.13 -27.45
CA ASN B 51 -2.30 15.52 -27.13
C ASN B 51 -3.25 15.39 -28.35
N ASP B 52 -3.36 16.47 -29.11
CA ASP B 52 -4.33 16.55 -30.20
C ASP B 52 -3.98 15.55 -31.28
N ARG B 53 -2.69 15.20 -31.38
CA ARG B 53 -2.25 14.31 -32.45
C ARG B 53 -2.61 12.87 -32.07
N GLY B 54 -2.88 12.62 -30.79
CA GLY B 54 -3.13 11.28 -30.34
C GLY B 54 -2.26 10.73 -29.27
N PHE B 55 -1.24 11.49 -28.90
CA PHE B 55 -0.40 11.09 -27.79
C PHE B 55 -1.05 11.62 -26.52
N ASN B 56 -1.89 10.81 -25.89
CA ASN B 56 -2.65 11.32 -24.74
C ASN B 56 -1.93 11.08 -23.41
N ALA B 57 -0.69 10.62 -23.49
CA ALA B 57 0.17 10.43 -22.33
C ALA B 57 1.49 11.11 -22.62
N ILE B 58 2.02 11.78 -21.61
CA ILE B 58 3.29 12.54 -21.68
C ILE B 58 4.20 12.14 -20.53
N ARG B 59 5.42 11.86 -20.88
CA ARG B 59 6.52 11.67 -19.91
C ARG B 59 7.32 12.98 -19.89
N ILE B 60 7.52 13.53 -18.68
CA ILE B 60 8.16 14.78 -18.40
C ILE B 60 9.43 14.44 -17.64
N PRO B 61 10.52 14.20 -18.41
CA PRO B 61 11.79 13.91 -17.75
C PRO B 61 12.35 15.17 -17.12
N VAL B 62 12.86 15.03 -15.89
CA VAL B 62 13.38 16.18 -15.15
C VAL B 62 14.68 15.77 -14.49
N THR B 63 15.71 16.58 -14.62
CA THR B 63 16.97 16.38 -13.87
C THR B 63 16.98 17.41 -12.77
N PHE B 64 16.99 16.90 -11.53
CA PHE B 64 16.94 17.81 -10.39
C PHE B 64 18.29 18.28 -9.83
N ALA B 65 19.33 17.41 -9.99
CA ALA B 65 20.65 17.57 -9.32
C ALA B 65 21.07 19.04 -9.12
N ASN B 66 21.20 19.78 -10.22
CA ASN B 66 21.70 21.19 -10.14
C ASN B 66 20.77 22.18 -9.45
N HIS B 67 19.54 21.73 -9.15
CA HIS B 67 18.54 22.59 -8.54
C HIS B 67 18.36 22.18 -7.08
N LEU B 68 19.23 21.32 -6.57
CA LEU B 68 19.15 20.85 -5.16
C LEU B 68 20.06 21.57 -4.24
N GLY B 69 19.55 21.87 -3.05
CA GLY B 69 20.41 22.36 -2.00
C GLY B 69 21.31 21.28 -1.44
N PRO B 70 22.11 21.62 -0.45
CA PRO B 70 23.03 20.66 0.11
C PRO B 70 22.34 19.52 0.82
N ALA B 71 23.04 18.42 0.82
CA ALA B 71 22.71 17.27 1.68
C ALA B 71 22.69 17.77 3.15
N PRO B 72 21.84 17.19 4.01
CA PRO B 72 20.93 16.06 3.78
C PRO B 72 19.50 16.38 3.35
N GLU B 73 19.13 17.65 3.33
CA GLU B 73 17.76 18.03 2.97
C GLU B 73 17.54 17.97 1.46
N TYR B 74 18.58 18.27 0.71
CA TYR B 74 18.47 18.33 -0.74
C TYR B 74 17.24 19.11 -1.21
N THR B 75 17.05 20.28 -0.61
CA THR B 75 15.89 21.05 -0.90
C THR B 75 15.84 21.45 -2.40
N ILE B 76 14.72 21.18 -3.06
CA ILE B 76 14.57 21.59 -4.47
C ILE B 76 14.32 23.10 -4.51
N SER B 77 15.11 23.80 -5.29
CA SER B 77 14.94 25.26 -5.42
C SER B 77 13.47 25.57 -5.77
N ALA B 78 12.90 26.54 -5.05
CA ALA B 78 11.48 26.79 -5.25
C ALA B 78 11.08 27.14 -6.69
N ASP B 79 11.92 27.91 -7.37
CA ASP B 79 11.60 28.31 -8.73
C ASP B 79 11.53 27.09 -9.67
N TRP B 80 12.44 26.14 -9.46
CA TRP B 80 12.49 24.93 -10.29
C TRP B 80 11.26 24.03 -10.02
N LEU B 81 10.94 23.84 -8.73
CA LEU B 81 9.80 23.05 -8.41
C LEU B 81 8.52 23.68 -9.01
N ALA B 82 8.45 25.01 -8.95
CA ALA B 82 7.30 25.72 -9.56
C ALA B 82 7.19 25.52 -11.07
N ARG B 83 8.33 25.56 -11.74
CA ARG B 83 8.35 25.34 -13.16
C ARG B 83 7.98 23.92 -13.57
N VAL B 84 8.51 22.95 -12.86
CA VAL B 84 8.10 21.56 -13.04
C VAL B 84 6.59 21.40 -12.89
N LYS B 85 6.04 22.03 -11.84
CA LYS B 85 4.58 21.95 -11.65
C LYS B 85 3.83 22.63 -12.82
N GLU B 86 4.36 23.76 -13.33
CA GLU B 86 3.70 24.46 -14.44
C GLU B 86 3.62 23.54 -15.65
N VAL B 87 4.71 22.81 -15.90
CA VAL B 87 4.71 21.92 -17.06
C VAL B 87 3.78 20.70 -16.88
N VAL B 88 3.85 20.08 -15.69
CA VAL B 88 2.91 19.00 -15.38
C VAL B 88 1.45 19.58 -15.57
N ASP B 89 1.19 20.78 -15.10
CA ASP B 89 -0.17 21.33 -15.16
C ASP B 89 -0.61 21.56 -16.60
N TYR B 90 0.30 21.83 -17.55
CA TYR B 90 -0.11 21.90 -18.99
C TYR B 90 -0.81 20.58 -19.38
N ALA B 91 -0.25 19.46 -18.93
CA ALA B 91 -0.79 18.17 -19.18
C ALA B 91 -2.10 17.88 -18.44
N VAL B 92 -2.15 18.29 -17.20
CA VAL B 92 -3.39 18.11 -16.39
C VAL B 92 -4.53 18.89 -17.02
N ASN B 93 -4.24 20.08 -17.50
CA ASN B 93 -5.29 20.91 -18.15
C ASN B 93 -5.95 20.25 -19.33
N ASP B 94 -5.27 19.27 -19.94
CA ASP B 94 -5.74 18.59 -21.12
C ASP B 94 -6.17 17.16 -20.81
N GLY B 95 -6.23 16.81 -19.54
CA GLY B 95 -6.71 15.51 -19.15
C GLY B 95 -5.80 14.35 -19.48
N MSE B 96 -4.51 14.63 -19.59
CA MSE B 96 -3.55 13.60 -20.05
C MSE B 96 -3.06 12.70 -18.92
O MSE B 96 -3.11 13.05 -17.75
CB MSE B 96 -2.33 14.36 -20.69
CG MSE B 96 -2.72 15.09 -21.95
SE MSE B 96 -1.18 16.11 -22.62
CE MSE B 96 -0.23 14.76 -23.61
N TYR B 97 -2.60 11.50 -19.32
CA TYR B 97 -1.80 10.61 -18.46
C TYR B 97 -0.36 11.15 -18.47
N ILE B 98 0.27 11.13 -17.29
CA ILE B 98 1.50 11.83 -17.07
C ILE B 98 2.51 10.96 -16.33
N ILE B 99 3.75 10.94 -16.78
CA ILE B 99 4.84 10.39 -15.97
C ILE B 99 5.82 11.47 -15.63
N LEU B 100 6.07 11.66 -14.35
CA LEU B 100 7.12 12.54 -13.83
C LEU B 100 8.24 11.64 -13.37
N ASP B 101 9.48 11.87 -13.89
CA ASP B 101 10.64 11.11 -13.42
C ASP B 101 11.70 11.98 -12.74
N THR B 102 12.75 11.32 -12.22
CA THR B 102 14.05 11.98 -12.07
C THR B 102 14.87 11.42 -13.27
N HIS B 103 15.85 12.20 -13.75
CA HIS B 103 16.39 11.87 -15.06
C HIS B 103 17.93 11.74 -15.03
N HIS B 104 18.68 12.78 -15.45
CA HIS B 104 20.13 12.65 -15.55
C HIS B 104 20.82 12.88 -14.21
N GLU B 105 20.19 12.40 -13.12
CA GLU B 105 20.80 12.33 -11.79
C GLU B 105 22.07 11.47 -11.82
N THR B 106 22.10 10.57 -12.83
CA THR B 106 23.20 9.65 -13.13
C THR B 106 24.51 10.36 -13.57
N ASN B 107 24.40 11.63 -13.97
CA ASN B 107 25.62 12.45 -14.30
C ASN B 107 26.23 13.02 -13.02
N TYR B 108 25.46 12.97 -11.90
CA TYR B 108 25.77 13.73 -10.70
C TYR B 108 25.95 12.73 -9.53
N TRP B 109 24.91 12.58 -8.72
CA TRP B 109 24.96 11.78 -7.51
C TRP B 109 24.55 10.33 -7.64
N LEU B 110 23.73 10.03 -8.66
CA LEU B 110 23.15 8.71 -8.77
C LEU B 110 24.11 7.78 -9.55
N LYS B 111 25.14 7.37 -8.87
CA LYS B 111 26.21 6.52 -9.41
C LYS B 111 26.08 5.25 -8.53
N THR B 112 25.73 4.10 -9.14
CA THR B 112 25.35 2.88 -8.41
C THR B 112 26.54 2.12 -7.81
N ASP B 113 27.23 2.75 -6.86
CA ASP B 113 28.24 2.05 -6.11
C ASP B 113 27.58 1.35 -4.93
N PRO B 114 27.61 0.03 -4.88
CA PRO B 114 26.87 -0.61 -3.77
C PRO B 114 27.43 -0.24 -2.39
N ASN B 115 28.66 0.20 -2.32
CA ASN B 115 29.17 0.67 -1.02
C ASN B 115 28.63 1.99 -0.56
N ASN B 116 27.88 2.69 -1.39
CA ASN B 116 27.34 3.97 -1.02
C ASN B 116 25.81 3.93 -0.91
N GLU B 117 25.26 2.74 -0.61
CA GLU B 117 23.81 2.50 -0.58
C GLU B 117 23.03 3.50 0.25
N ALA B 118 23.50 3.78 1.47
CA ALA B 118 22.74 4.63 2.34
C ALA B 118 22.62 6.03 1.76
N ALA B 119 23.73 6.65 1.32
CA ALA B 119 23.64 8.00 0.78
C ALA B 119 22.76 8.06 -0.41
N LEU B 120 22.85 7.06 -1.25
CA LEU B 120 22.00 6.97 -2.48
C LEU B 120 20.49 6.87 -2.18
N CYS B 121 20.13 5.97 -1.29
CA CYS B 121 18.75 5.79 -0.91
C CYS B 121 18.24 7.03 -0.25
N GLU B 122 19.05 7.65 0.61
CA GLU B 122 18.56 8.81 1.38
C GLU B 122 18.35 10.00 0.47
N GLU B 123 19.26 10.19 -0.50
CA GLU B 123 19.08 11.31 -1.46
C GLU B 123 17.79 11.10 -2.31
N LEU B 124 17.67 9.90 -2.84
CA LEU B 124 16.47 9.55 -3.65
C LEU B 124 15.17 9.79 -2.89
N ALA B 125 15.15 9.39 -1.65
CA ALA B 125 13.99 9.54 -0.81
C ALA B 125 13.73 11.01 -0.48
N ALA B 126 14.79 11.76 -0.21
CA ALA B 126 14.62 13.15 0.07
C ALA B 126 14.01 13.97 -1.04
N ILE B 127 14.43 13.63 -2.28
CA ILE B 127 13.90 14.34 -3.45
C ILE B 127 12.45 13.91 -3.63
N TRP B 128 12.16 12.61 -3.56
CA TRP B 128 10.80 12.12 -3.81
C TRP B 128 9.84 12.49 -2.71
N LYS B 129 10.31 12.65 -1.44
CA LYS B 129 9.37 13.18 -0.43
C LYS B 129 8.85 14.56 -0.87
N GLN B 130 9.76 15.42 -1.36
CA GLN B 130 9.40 16.73 -1.81
C GLN B 130 8.49 16.76 -3.01
N LEU B 131 8.82 15.94 -4.00
CA LEU B 131 7.94 15.85 -5.16
C LEU B 131 6.58 15.33 -4.85
N ALA B 132 6.57 14.25 -4.04
CA ALA B 132 5.30 13.67 -3.64
C ALA B 132 4.45 14.72 -2.82
N GLU B 133 5.07 15.50 -1.93
CA GLU B 133 4.31 16.50 -1.21
C GLU B 133 3.72 17.51 -2.22
N ALA B 134 4.52 17.94 -3.18
CA ALA B 134 4.11 18.98 -4.07
C ALA B 134 2.93 18.55 -4.93
N PHE B 135 2.90 17.26 -5.29
CA PHE B 135 1.90 16.74 -6.23
C PHE B 135 0.87 15.86 -5.54
N LYS B 136 0.80 15.96 -4.21
CA LYS B 136 -0.03 15.06 -3.39
C LYS B 136 -1.52 15.03 -3.82
N ASP B 137 -2.05 16.17 -4.21
CA ASP B 137 -3.47 16.33 -4.56
C ASP B 137 -3.81 16.02 -6.03
N TYR B 138 -2.79 15.66 -6.80
CA TYR B 138 -3.01 15.38 -8.24
C TYR B 138 -3.64 14.00 -8.36
N ASP B 139 -4.52 13.85 -9.34
CA ASP B 139 -5.26 12.57 -9.53
C ASP B 139 -4.43 11.39 -10.09
N GLU B 140 -5.12 10.25 -10.32
CA GLU B 140 -4.45 9.02 -10.64
C GLU B 140 -3.82 9.00 -12.06
N LYS B 141 -4.13 9.98 -12.89
CA LYS B 141 -3.52 10.07 -14.19
C LYS B 141 -2.04 10.49 -14.10
N LEU B 142 -1.63 11.09 -12.99
CA LEU B 142 -0.19 11.40 -12.78
C LEU B 142 0.48 10.22 -12.07
N MSE B 143 1.59 9.76 -12.69
CA MSE B 143 2.40 8.56 -12.25
C MSE B 143 3.76 9.10 -11.98
O MSE B 143 4.18 10.09 -12.64
CB MSE B 143 2.36 7.47 -13.30
CG MSE B 143 0.92 7.11 -13.65
SE MSE B 143 0.80 5.65 -14.95
CE MSE B 143 1.05 6.65 -16.58
N PHE B 144 4.48 8.47 -11.04
CA PHE B 144 5.85 8.81 -10.76
C PHE B 144 6.76 7.64 -11.19
N GLU B 145 7.88 7.99 -11.81
CA GLU B 145 8.92 7.02 -12.19
C GLU B 145 10.22 7.41 -11.46
N GLY B 146 10.60 6.58 -10.47
CA GLY B 146 11.60 6.97 -9.51
C GLY B 146 12.95 7.38 -10.04
N MSE B 147 13.44 6.63 -11.05
CA MSE B 147 14.77 6.86 -11.60
C MSE B 147 14.71 6.62 -13.10
O MSE B 147 13.80 5.93 -13.60
CB MSE B 147 15.72 5.82 -10.98
CG MSE B 147 15.82 5.94 -9.50
SE MSE B 147 17.12 4.62 -8.74
CE MSE B 147 15.93 3.05 -8.70
N ASN B 148 15.75 7.14 -13.79
CA ASN B 148 15.92 6.91 -15.21
C ASN B 148 17.28 6.27 -15.46
N GLU B 149 17.28 5.06 -16.00
CA GLU B 149 18.51 4.32 -16.34
C GLU B 149 19.60 4.38 -15.24
N PRO B 150 19.21 4.10 -13.99
CA PRO B 150 20.20 4.14 -12.88
C PRO B 150 21.31 3.16 -13.14
N ARG B 151 22.55 3.61 -12.98
CA ARG B 151 23.71 2.82 -13.38
C ARG B 151 24.97 3.51 -12.89
N MSE B 152 26.13 2.89 -13.21
CA MSE B 152 27.45 3.48 -12.99
C MSE B 152 28.01 3.82 -14.36
O MSE B 152 28.51 2.93 -15.08
CB MSE B 152 28.42 2.62 -12.16
CB MSE B 152 28.33 2.48 -12.23
CG MSE B 152 29.59 3.52 -11.73
CG MSE B 152 29.75 3.03 -12.19
SE MSE B 152 30.82 2.33 -10.75
SE MSE B 152 29.92 4.52 -10.94
CE MSE B 152 29.44 1.12 -9.78
CE MSE B 152 29.76 6.10 -12.08
N ALA B 153 27.85 5.08 -14.77
CA ALA B 153 28.36 5.49 -16.05
C ALA B 153 29.85 5.16 -16.17
N GLY B 154 30.21 4.57 -17.30
CA GLY B 154 31.58 4.23 -17.62
C GLY B 154 31.98 2.83 -17.23
N SER B 155 31.12 2.12 -16.51
CA SER B 155 31.43 0.81 -16.06
C SER B 155 31.30 -0.19 -17.19
N ALA B 156 31.98 -1.31 -17.04
CA ALA B 156 31.94 -2.33 -18.08
C ALA B 156 30.54 -2.79 -18.43
N LYS B 157 29.68 -2.96 -17.43
CA LYS B 157 28.30 -3.48 -17.65
C LYS B 157 27.25 -2.38 -17.56
N GLU B 158 27.66 -1.12 -17.74
CA GLU B 158 26.73 0.02 -17.75
C GLU B 158 25.45 -0.24 -18.54
N TRP B 159 25.63 -0.77 -19.76
CA TRP B 159 24.57 -1.00 -20.66
C TRP B 159 24.15 -2.45 -20.80
N SER B 160 24.61 -3.32 -19.93
CA SER B 160 24.20 -4.71 -19.97
C SER B 160 23.60 -5.19 -18.65
N GLY B 161 22.95 -4.28 -17.94
CA GLY B 161 22.28 -4.66 -16.70
C GLY B 161 23.11 -4.64 -15.46
N GLY B 162 24.36 -4.18 -15.55
CA GLY B 162 25.16 -4.03 -14.34
C GLY B 162 25.66 -5.33 -13.73
N THR B 163 26.13 -5.24 -12.50
CA THR B 163 26.60 -6.41 -11.79
C THR B 163 25.55 -6.89 -10.81
N PRO B 164 25.74 -8.12 -10.29
CA PRO B 164 24.73 -8.57 -9.33
C PRO B 164 24.58 -7.69 -8.11
N ALA B 165 25.70 -7.14 -7.62
CA ALA B 165 25.64 -6.27 -6.44
C ALA B 165 24.90 -4.96 -6.78
N GLU B 166 25.12 -4.48 -7.97
CA GLU B 166 24.41 -3.26 -8.40
C GLU B 166 22.92 -3.51 -8.50
N ARG B 167 22.55 -4.68 -9.02
CA ARG B 167 21.14 -5.01 -9.12
C ARG B 167 20.47 -5.13 -7.74
N LYS B 168 21.20 -5.61 -6.72
CA LYS B 168 20.67 -5.57 -5.35
C LYS B 168 20.42 -4.12 -4.91
N LEU B 169 21.37 -3.22 -5.23
CA LEU B 169 21.27 -1.82 -4.87
C LEU B 169 20.04 -1.19 -5.55
N ILE B 170 19.80 -1.54 -6.81
CA ILE B 170 18.62 -1.00 -7.53
C ILE B 170 17.31 -1.41 -6.82
N ASN B 171 17.26 -2.67 -6.39
CA ASN B 171 16.12 -3.11 -5.58
C ASN B 171 15.95 -2.28 -4.29
N ALA B 172 17.04 -1.98 -3.56
CA ALA B 172 16.94 -1.17 -2.37
C ALA B 172 16.44 0.26 -2.72
N MSE B 173 16.98 0.82 -3.78
CA MSE B 173 16.60 2.17 -4.19
C MSE B 173 15.13 2.25 -4.67
O MSE B 173 14.41 3.20 -4.34
CB MSE B 173 17.53 2.70 -5.33
CG MSE B 173 18.98 2.85 -4.74
SE MSE B 173 20.16 3.65 -6.10
CE MSE B 173 19.57 5.50 -5.99
N ASN B 174 14.67 1.24 -5.44
CA ASN B 174 13.22 1.15 -5.77
C ASN B 174 12.38 1.19 -4.50
N LYS B 175 12.76 0.41 -3.47
CA LYS B 175 12.05 0.38 -2.19
C LYS B 175 12.04 1.74 -1.50
N ALA B 176 13.19 2.43 -1.56
CA ALA B 176 13.33 3.71 -0.86
C ALA B 176 12.37 4.73 -1.50
N PHE B 177 12.33 4.70 -2.84
CA PHE B 177 11.44 5.54 -3.62
C PHE B 177 9.96 5.31 -3.25
N ILE B 178 9.51 4.06 -3.31
CA ILE B 178 8.11 3.76 -2.95
C ILE B 178 7.83 4.18 -1.53
N ASP B 179 8.70 3.82 -0.61
CA ASP B 179 8.47 4.17 0.81
C ASP B 179 8.30 5.69 0.97
N ALA B 180 9.21 6.48 0.40
CA ALA B 180 9.19 7.89 0.59
C ALA B 180 7.86 8.46 0.07
N VAL B 181 7.43 8.00 -1.11
CA VAL B 181 6.21 8.53 -1.72
C VAL B 181 4.95 8.13 -0.92
N ARG B 182 4.85 6.88 -0.53
CA ARG B 182 3.70 6.43 0.25
C ARG B 182 3.59 7.11 1.62
N ALA B 183 4.72 7.43 2.24
CA ALA B 183 4.72 8.08 3.52
C ALA B 183 4.18 9.49 3.45
N THR B 184 3.99 10.06 2.26
CA THR B 184 3.40 11.40 2.16
C THR B 184 1.87 11.39 2.09
N GLY B 185 1.28 10.22 1.92
CA GLY B 185 -0.16 10.09 1.97
C GLY B 185 -0.90 10.82 0.86
N GLY B 186 -2.13 11.18 1.11
CA GLY B 186 -3.03 11.79 0.12
C GLY B 186 -3.14 10.83 -1.05
N ASN B 187 -3.28 11.37 -2.25
CA ASN B 187 -3.41 10.59 -3.44
C ASN B 187 -2.11 9.79 -3.74
N ASN B 188 -1.03 10.10 -3.02
CA ASN B 188 0.17 9.32 -3.14
C ASN B 188 0.08 7.95 -2.50
N ALA B 189 -0.98 7.70 -1.71
CA ALA B 189 -1.15 6.37 -1.10
C ALA B 189 -1.26 5.27 -2.13
N ASP B 190 -1.96 5.62 -3.23
CA ASP B 190 -2.23 4.62 -4.27
C ASP B 190 -1.90 5.05 -5.73
N ARG B 191 -1.17 6.13 -5.85
CA ARG B 191 -0.64 6.58 -7.14
C ARG B 191 0.17 5.45 -7.77
N VAL B 192 0.17 5.36 -9.10
CA VAL B 192 1.03 4.39 -9.75
C VAL B 192 2.46 4.88 -9.62
N LEU B 193 3.32 3.98 -9.09
CA LEU B 193 4.73 4.24 -8.96
C LEU B 193 5.51 3.27 -9.83
N ILE B 194 6.43 3.83 -10.63
CA ILE B 194 7.01 3.08 -11.72
C ILE B 194 8.49 2.92 -11.38
N ILE B 195 8.81 1.68 -11.00
CA ILE B 195 10.15 1.27 -10.64
C ILE B 195 10.90 0.84 -11.90
N CYS B 196 12.18 0.48 -11.75
CA CYS B 196 12.93 0.09 -12.91
C CYS B 196 13.97 -0.94 -12.62
N THR B 197 14.51 -1.53 -13.70
CA THR B 197 15.68 -2.34 -13.63
C THR B 197 16.96 -1.49 -13.75
N TYR B 198 18.10 -2.10 -13.46
CA TYR B 198 19.40 -1.44 -13.67
C TYR B 198 19.42 -0.97 -15.15
N GLY B 199 19.73 0.31 -15.37
CA GLY B 199 19.84 0.89 -16.72
C GLY B 199 18.55 0.87 -17.54
N HIS B 200 17.40 0.55 -16.91
CA HIS B 200 16.18 0.22 -17.65
C HIS B 200 16.36 -0.95 -18.64
N ASN B 201 17.35 -1.79 -18.35
CA ASN B 201 17.75 -2.93 -19.15
C ASN B 201 16.76 -4.10 -18.97
N SER B 202 16.48 -4.79 -20.09
CA SER B 202 15.57 -5.95 -20.09
C SER B 202 16.17 -7.31 -20.43
N ASP B 203 17.49 -7.45 -20.35
CA ASP B 203 18.17 -8.75 -20.54
C ASP B 203 17.70 -9.70 -19.41
N GLU B 204 17.73 -11.00 -19.70
CA GLU B 204 17.21 -12.04 -18.77
C GLU B 204 17.83 -11.94 -17.34
N PRO B 205 19.18 -11.78 -17.23
CA PRO B 205 19.72 -11.71 -15.89
C PRO B 205 19.26 -10.48 -15.09
N THR B 206 18.97 -9.40 -15.80
CA THR B 206 18.58 -8.19 -15.15
C THR B 206 17.17 -8.38 -14.63
N LEU B 207 16.32 -8.97 -15.43
CA LEU B 207 14.92 -9.22 -15.03
C LEU B 207 14.83 -10.24 -13.93
N LYS B 208 15.68 -11.29 -14.01
CA LYS B 208 15.71 -12.38 -13.01
C LYS B 208 16.01 -11.79 -11.63
N ASP B 209 16.80 -10.73 -11.56
CA ASP B 209 17.22 -10.19 -10.26
C ASP B 209 16.29 -9.09 -9.76
N LEU B 210 15.30 -8.69 -10.52
CA LEU B 210 14.44 -7.59 -10.07
C LEU B 210 13.44 -8.04 -9.01
N GLU B 211 13.47 -7.42 -7.84
CA GLU B 211 12.49 -7.68 -6.83
C GLU B 211 11.21 -6.96 -7.15
N ILE B 212 10.11 -7.66 -6.96
CA ILE B 212 8.83 -7.09 -7.26
C ILE B 212 8.22 -6.68 -5.92
N PRO B 213 7.93 -5.39 -5.74
CA PRO B 213 7.28 -4.97 -4.53
C PRO B 213 5.94 -5.62 -4.29
N SER B 214 5.64 -5.85 -3.01
CA SER B 214 4.28 -6.29 -2.70
C SER B 214 3.23 -5.14 -2.84
N ASP B 215 3.63 -3.88 -2.85
CA ASP B 215 2.70 -2.80 -3.15
C ASP B 215 1.97 -3.06 -4.46
N PRO B 216 0.61 -3.01 -4.41
CA PRO B 216 -0.17 -3.38 -5.63
C PRO B 216 -0.29 -2.31 -6.67
N ASN B 217 0.20 -1.15 -6.34
CA ASN B 217 0.09 0.03 -7.20
C ASN B 217 1.43 0.45 -7.82
N ILE B 218 2.15 -0.54 -8.33
CA ILE B 218 3.39 -0.28 -9.06
C ILE B 218 3.35 -0.80 -10.50
N ALA B 219 4.32 -0.32 -11.28
CA ALA B 219 4.57 -0.87 -12.61
C ALA B 219 6.08 -0.92 -12.76
N VAL B 220 6.56 -1.71 -13.71
CA VAL B 220 7.96 -1.80 -14.02
C VAL B 220 8.23 -1.12 -15.40
N ALA B 221 9.16 -0.18 -15.40
CA ALA B 221 9.60 0.49 -16.59
C ALA B 221 10.88 -0.13 -17.17
N LEU B 222 10.88 -0.20 -18.51
CA LEU B 222 12.03 -0.63 -19.33
C LEU B 222 12.19 0.32 -20.50
N HIS B 223 13.41 0.37 -21.04
CA HIS B 223 13.68 1.10 -22.26
C HIS B 223 14.13 0.10 -23.31
N THR B 224 13.45 0.12 -24.46
CA THR B 224 13.67 -0.89 -25.48
C THR B 224 13.69 -0.28 -26.87
N TYR B 225 14.81 0.28 -27.14
CA TYR B 225 15.06 0.83 -28.49
C TYR B 225 15.60 -0.28 -29.43
N THR B 226 14.76 -1.27 -29.65
CA THR B 226 15.20 -2.54 -30.14
C THR B 226 14.75 -2.66 -31.62
N PRO B 227 15.69 -3.08 -32.48
CA PRO B 227 17.12 -3.33 -32.24
C PRO B 227 17.94 -2.09 -32.29
N TYR B 228 18.96 -2.05 -31.43
CA TYR B 228 19.83 -0.91 -31.29
C TYR B 228 20.43 -0.48 -32.61
N PHE B 229 20.85 -1.45 -33.41
CA PHE B 229 21.49 -1.07 -34.70
C PHE B 229 20.55 -0.47 -35.76
N PHE B 230 19.24 -0.66 -35.56
CA PHE B 230 18.27 0.04 -36.36
C PHE B 230 17.94 1.42 -35.82
N THR B 231 17.78 1.53 -34.49
CA THR B 231 17.33 2.77 -33.87
C THR B 231 18.38 3.84 -33.61
N TYR B 232 19.65 3.39 -33.49
CA TYR B 232 20.78 4.28 -33.26
C TYR B 232 21.75 4.24 -34.43
N VAL B 233 22.68 5.15 -34.43
CA VAL B 233 23.76 5.22 -35.39
C VAL B 233 25.02 4.72 -34.67
N ALA B 234 25.69 3.71 -35.22
CA ALA B 234 26.83 3.06 -34.60
C ALA B 234 27.50 2.22 -35.66
N ASP B 235 28.69 1.68 -35.35
CA ASP B 235 29.41 0.81 -36.27
C ASP B 235 28.56 -0.43 -36.32
N GLY B 236 28.01 -0.75 -37.47
CA GLY B 236 27.13 -1.92 -37.60
C GLY B 236 25.67 -1.54 -37.81
N SER B 237 25.38 -0.24 -37.73
CA SER B 237 23.97 0.18 -37.82
C SER B 237 23.43 0.15 -39.23
N TYR B 238 22.13 0.12 -39.37
CA TYR B 238 21.47 0.06 -40.69
C TYR B 238 20.21 0.85 -40.61
N SER B 239 19.65 1.21 -41.76
CA SER B 239 18.45 1.97 -41.87
C SER B 239 17.27 1.30 -42.56
N VAL B 240 17.51 0.08 -43.03
CA VAL B 240 16.50 -0.73 -43.68
C VAL B 240 15.77 -1.59 -42.68
N TRP B 241 14.45 -1.61 -42.78
CA TRP B 241 13.63 -2.52 -42.00
C TRP B 241 12.78 -3.34 -42.93
N ASN B 242 13.16 -4.63 -43.10
CA ASN B 242 12.37 -5.54 -43.86
C ASN B 242 11.78 -6.67 -43.06
N GLY B 243 11.86 -6.61 -41.74
CA GLY B 243 11.27 -7.70 -40.94
C GLY B 243 12.26 -8.74 -40.51
N SER B 244 13.41 -8.78 -41.16
CA SER B 244 14.36 -9.87 -40.89
C SER B 244 14.94 -9.84 -39.47
N LYS B 245 14.93 -8.65 -38.84
CA LYS B 245 15.46 -8.54 -37.49
C LYS B 245 14.32 -8.46 -36.45
N LYS B 246 13.09 -8.76 -36.84
CA LYS B 246 12.01 -8.76 -35.88
C LYS B 246 12.28 -9.72 -34.73
N ASN B 247 12.93 -10.85 -35.00
CA ASN B 247 13.35 -11.76 -33.92
C ASN B 247 14.08 -11.08 -32.75
N ASP B 248 14.83 -10.00 -33.01
CA ASP B 248 15.49 -9.27 -31.91
C ASP B 248 14.45 -8.69 -30.91
N ILE B 249 13.40 -8.14 -31.51
CA ILE B 249 12.27 -7.60 -30.75
C ILE B 249 11.54 -8.74 -29.97
N THR B 250 11.21 -9.82 -30.69
CA THR B 250 10.47 -10.96 -30.10
C THR B 250 11.15 -11.64 -28.94
N TRP B 251 12.43 -11.95 -29.12
CA TRP B 251 13.28 -12.60 -28.09
C TRP B 251 13.33 -11.78 -26.83
N GLN B 252 13.55 -10.46 -26.98
CA GLN B 252 13.61 -9.62 -25.83
C GLN B 252 12.20 -9.52 -25.18
N TYR B 253 11.13 -9.39 -25.99
CA TYR B 253 9.81 -9.31 -25.46
C TYR B 253 9.41 -10.58 -24.77
N ASN B 254 9.84 -11.73 -25.28
CA ASN B 254 9.54 -13.00 -24.59
C ASN B 254 10.09 -13.05 -23.18
N ASN B 255 11.21 -12.37 -22.93
CA ASN B 255 11.76 -12.34 -21.59
C ASN B 255 10.95 -11.42 -20.70
N ILE B 256 10.52 -10.32 -21.28
CA ILE B 256 9.61 -9.42 -20.57
C ILE B 256 8.30 -10.17 -20.19
N LYS B 257 7.78 -10.99 -21.12
CA LYS B 257 6.59 -11.83 -20.87
C LYS B 257 6.85 -12.84 -19.71
N LYS B 258 7.98 -13.56 -19.78
CA LYS B 258 8.33 -14.61 -18.82
C LYS B 258 8.43 -14.05 -17.40
N TYR B 259 9.07 -12.90 -17.25
CA TYR B 259 9.39 -12.40 -15.89
C TYR B 259 8.39 -11.39 -15.35
N LEU B 260 7.60 -10.73 -16.22
CA LEU B 260 6.71 -9.64 -15.77
C LEU B 260 5.25 -9.87 -16.23
N ILE B 261 5.01 -9.88 -17.53
CA ILE B 261 3.62 -9.83 -18.05
C ILE B 261 2.90 -11.07 -17.61
N ASP B 262 3.51 -12.22 -17.81
CA ASP B 262 2.84 -13.50 -17.53
C ASP B 262 2.77 -13.78 -16.05
N LYS B 263 3.45 -12.97 -15.24
CA LYS B 263 3.25 -13.01 -13.80
C LYS B 263 2.30 -11.95 -13.31
N GLY B 264 1.66 -11.21 -14.21
CA GLY B 264 0.60 -10.28 -13.81
C GLY B 264 1.16 -8.98 -13.30
N ILE B 265 2.38 -8.67 -13.71
CA ILE B 265 3.08 -7.43 -13.27
C ILE B 265 2.98 -6.38 -14.43
N PRO B 266 2.43 -5.18 -14.10
CA PRO B 266 2.38 -4.17 -15.13
C PRO B 266 3.76 -3.74 -15.59
N VAL B 267 3.85 -3.57 -16.90
CA VAL B 267 5.04 -3.12 -17.58
C VAL B 267 4.68 -1.92 -18.46
N VAL B 268 5.58 -0.96 -18.49
CA VAL B 268 5.44 0.26 -19.29
C VAL B 268 6.80 0.51 -19.97
N ILE B 269 6.83 0.67 -21.28
CA ILE B 269 8.05 1.04 -22.01
C ILE B 269 8.17 2.57 -21.99
N THR B 270 8.94 3.14 -21.06
CA THR B 270 8.91 4.56 -20.92
C THR B 270 9.79 5.34 -21.90
N GLU B 271 10.64 4.63 -22.66
CA GLU B 271 11.29 5.22 -23.81
C GLU B 271 11.50 4.14 -24.88
N THR B 272 11.26 4.60 -26.10
CA THR B 272 11.69 3.93 -27.32
C THR B 272 11.56 4.93 -28.47
N GLY B 273 11.94 4.48 -29.67
CA GLY B 273 11.97 5.34 -30.87
C GLY B 273 13.07 4.93 -31.80
N ALA B 274 13.10 5.55 -33.00
CA ALA B 274 14.12 5.27 -34.05
C ALA B 274 14.66 6.58 -34.57
N GLN B 275 15.99 6.73 -34.58
CA GLN B 275 16.55 7.97 -35.10
C GLN B 275 16.21 7.97 -36.61
N PHE B 276 15.88 9.16 -37.09
CA PHE B 276 15.54 9.42 -38.50
C PHE B 276 16.81 9.36 -39.36
N LYS B 277 16.81 8.41 -40.30
CA LYS B 277 17.96 8.14 -41.17
C LYS B 277 17.50 8.20 -42.66
N GLU B 278 16.72 9.22 -43.00
CA GLU B 278 16.12 9.40 -44.38
C GLU B 278 15.47 8.12 -44.82
N ASN B 279 14.70 7.53 -43.90
CA ASN B 279 14.20 6.19 -43.99
C ASN B 279 12.77 6.06 -43.45
N THR B 280 11.93 6.99 -43.88
CA THR B 280 10.55 7.03 -43.40
C THR B 280 9.82 5.71 -43.48
N GLU B 281 9.84 5.11 -44.67
CA GLU B 281 9.16 3.82 -44.85
C GLU B 281 9.64 2.69 -43.97
N ASP B 282 10.95 2.67 -43.71
CA ASP B 282 11.52 1.66 -42.86
C ASP B 282 11.09 1.83 -41.41
N ILE B 283 11.12 3.08 -40.96
CA ILE B 283 10.64 3.37 -39.57
C ILE B 283 9.17 3.05 -39.43
N VAL B 284 8.31 3.41 -40.43
CA VAL B 284 6.90 3.00 -40.34
C VAL B 284 6.79 1.48 -40.20
N ARG B 285 7.55 0.72 -41.02
CA ARG B 285 7.55 -0.74 -40.89
C ARG B 285 8.00 -1.25 -39.52
N TRP B 286 9.06 -0.63 -39.00
CA TRP B 286 9.57 -0.99 -37.68
C TRP B 286 8.51 -0.76 -36.59
N ILE B 287 7.82 0.37 -36.67
CA ILE B 287 6.77 0.72 -35.65
C ILE B 287 5.72 -0.36 -35.68
N GLY B 288 5.30 -0.80 -36.88
CA GLY B 288 4.42 -1.94 -36.95
C GLY B 288 4.84 -3.16 -36.22
N ASP B 289 6.09 -3.56 -36.43
CA ASP B 289 6.62 -4.75 -35.81
C ASP B 289 6.83 -4.56 -34.30
N TYR B 290 7.29 -3.37 -33.96
CA TYR B 290 7.67 -3.07 -32.54
C TYR B 290 6.45 -2.77 -31.66
N VAL B 291 5.67 -1.78 -32.04
CA VAL B 291 4.48 -1.44 -31.26
C VAL B 291 3.43 -2.55 -31.39
N GLY B 292 3.36 -3.21 -32.57
CA GLY B 292 2.46 -4.36 -32.69
C GLY B 292 2.78 -5.52 -31.72
N THR B 293 4.07 -5.71 -31.45
CA THR B 293 4.50 -6.67 -30.47
C THR B 293 3.95 -6.32 -29.09
N LEU B 294 4.13 -5.06 -28.69
CA LEU B 294 3.65 -4.61 -27.38
C LEU B 294 2.14 -4.70 -27.27
N ASP B 295 1.45 -4.36 -28.35
CA ASP B 295 -0.01 -4.37 -28.36
C ASP B 295 -0.59 -5.77 -28.12
N GLN B 296 0.18 -6.82 -28.36
CA GLN B 296 -0.36 -8.16 -28.09
C GLN B 296 -0.79 -8.36 -26.64
N ASP B 297 -0.12 -7.69 -25.71
CA ASP B 297 -0.50 -7.73 -24.31
C ASP B 297 -0.89 -6.40 -23.73
N GLY B 298 -1.31 -5.47 -24.59
CA GLY B 298 -1.74 -4.14 -24.16
C GLY B 298 -0.67 -3.33 -23.40
N VAL B 299 0.60 -3.58 -23.73
CA VAL B 299 1.71 -2.84 -23.09
C VAL B 299 1.83 -1.49 -23.85
N LYS B 300 1.94 -0.43 -23.09
CA LYS B 300 2.06 0.97 -23.59
C LYS B 300 3.53 1.40 -23.65
N CYS B 301 3.80 2.30 -24.60
CA CYS B 301 5.12 2.87 -24.72
C CYS B 301 5.00 4.39 -24.86
N PHE B 302 6.14 5.02 -24.55
CA PHE B 302 6.35 6.47 -24.63
C PHE B 302 7.51 6.74 -25.55
N ILE B 303 7.27 7.49 -26.63
CA ILE B 303 8.32 7.73 -27.62
C ILE B 303 9.22 8.86 -27.20
N TRP B 304 10.54 8.67 -27.35
CA TRP B 304 11.47 9.69 -27.05
C TRP B 304 11.50 10.82 -28.13
N ASP B 305 11.32 12.07 -27.76
CA ASP B 305 11.30 13.19 -28.66
C ASP B 305 12.13 14.33 -28.12
N ASN B 306 13.32 14.53 -28.73
CA ASN B 306 14.23 15.57 -28.30
C ASN B 306 14.24 16.83 -29.16
N ASN B 307 13.33 16.86 -30.12
CA ASN B 307 13.23 17.99 -31.09
C ASN B 307 14.42 18.16 -31.96
N ILE B 308 15.13 17.06 -32.23
CA ILE B 308 16.25 17.13 -33.18
C ILE B 308 15.83 16.32 -34.41
N TYR B 309 15.86 16.95 -35.57
CA TYR B 309 15.50 16.29 -36.79
C TYR B 309 16.34 16.78 -37.94
N HIS B 310 16.46 18.08 -38.14
CA HIS B 310 17.22 18.57 -39.31
C HIS B 310 18.66 18.79 -38.96
N GLY B 311 18.89 19.15 -37.72
CA GLY B 311 20.21 19.41 -37.25
C GLY B 311 20.99 18.17 -36.91
N ASN B 312 22.23 18.40 -36.46
CA ASN B 312 23.12 17.34 -35.95
C ASN B 312 22.65 16.87 -34.59
N GLY B 313 22.95 15.61 -34.25
CA GLY B 313 22.57 15.00 -32.99
C GLY B 313 21.69 13.80 -33.29
N GLU B 314 21.15 13.23 -32.25
CA GLU B 314 20.37 12.04 -32.35
C GLU B 314 18.97 12.43 -32.80
N LYS B 315 18.60 12.00 -34.02
CA LYS B 315 17.45 12.58 -34.69
C LYS B 315 16.17 11.91 -34.28
N PHE B 316 15.83 12.06 -33.00
CA PHE B 316 14.55 11.45 -32.51
C PHE B 316 13.33 12.43 -32.59
N GLY B 317 13.57 13.64 -33.08
CA GLY B 317 12.56 14.63 -33.09
C GLY B 317 11.31 14.20 -33.91
N LEU B 318 10.12 14.55 -33.38
CA LEU B 318 8.83 14.29 -34.07
C LEU B 318 8.03 15.55 -34.20
N LEU B 319 7.91 16.27 -33.09
CA LEU B 319 7.20 17.56 -33.07
C LEU B 319 8.17 18.72 -33.24
N ASN B 320 7.99 19.47 -34.31
CA ASN B 320 8.72 20.72 -34.49
C ASN B 320 8.10 21.76 -33.52
N ARG B 321 8.72 21.95 -32.34
CA ARG B 321 8.03 22.68 -31.31
C ARG B 321 7.78 24.15 -31.62
N SER B 322 8.73 24.75 -32.32
CA SER B 322 8.62 26.16 -32.67
C SER B 322 7.52 26.44 -33.67
N LEU B 323 7.25 25.51 -34.57
CA LEU B 323 6.22 25.64 -35.60
C LEU B 323 4.89 24.99 -35.25
N LEU B 324 4.88 24.19 -34.20
CA LEU B 324 3.70 23.37 -33.84
C LEU B 324 3.22 22.55 -35.04
N LYS B 325 4.19 21.97 -35.76
CA LYS B 325 3.97 21.06 -36.91
C LYS B 325 4.92 19.88 -36.71
N TRP B 326 4.51 18.71 -37.21
CA TRP B 326 5.23 17.50 -37.02
C TRP B 326 6.31 17.39 -38.11
N TYR B 327 7.50 16.95 -37.74
CA TYR B 327 8.57 16.84 -38.73
C TYR B 327 8.30 15.81 -39.82
N ASN B 328 7.63 14.75 -39.46
CA ASN B 328 7.39 13.63 -40.35
C ASN B 328 6.05 12.97 -40.04
N ASP B 329 5.03 13.37 -40.80
CA ASP B 329 3.70 12.96 -40.45
C ASP B 329 3.48 11.46 -40.70
N ASP B 330 4.21 10.85 -41.64
CA ASP B 330 4.04 9.39 -41.82
C ASP B 330 4.47 8.58 -40.60
N ILE B 331 5.63 8.95 -40.06
CA ILE B 331 6.11 8.27 -38.85
C ILE B 331 5.12 8.47 -37.70
N VAL B 332 4.76 9.73 -37.50
CA VAL B 332 3.83 10.02 -36.38
C VAL B 332 2.46 9.30 -36.52
N ASP B 333 1.94 9.23 -37.78
CA ASP B 333 0.69 8.53 -38.03
C ASP B 333 0.82 7.05 -37.55
N ALA B 334 2.00 6.44 -37.88
CA ALA B 334 2.21 5.03 -37.53
C ALA B 334 2.14 4.79 -36.01
N TYR B 335 2.64 5.79 -35.28
CA TYR B 335 2.58 5.72 -33.82
C TYR B 335 1.18 5.92 -33.30
N VAL B 336 0.56 7.04 -33.63
CA VAL B 336 -0.75 7.34 -33.00
C VAL B 336 -1.88 6.41 -33.46
N ASN B 337 -1.73 5.87 -34.67
CA ASN B 337 -2.70 4.95 -35.16
C ASN B 337 -2.33 3.52 -34.99
N HIS B 338 -1.39 3.22 -34.11
CA HIS B 338 -0.90 1.87 -33.97
C HIS B 338 -2.00 0.81 -33.70
N ALA B 339 -3.10 1.20 -33.06
CA ALA B 339 -4.14 0.20 -32.67
C ALA B 339 -5.25 0.08 -33.67
C2 BGC C . -25.60 -16.99 19.17
C3 BGC C . -24.13 -16.60 19.50
C4 BGC C . -24.26 -15.12 19.78
C5 BGC C . -25.62 -15.05 20.52
C6 BGC C . -26.21 -13.64 20.65
C1 BGC C . -26.67 -17.14 20.29
O1 BGC C . -28.05 -17.80 20.20
O2 BGC C . -25.55 -18.25 18.72
O3 BGC C . -23.23 -16.98 18.45
O4 BGC C . -23.67 -14.50 20.87
O5 BGC C . -26.83 -15.76 20.25
O6 BGC C . -26.22 -13.28 22.05
C1 XYS C . -26.93 -12.20 22.76
C2 XYS C . -26.89 -10.63 22.66
C3 XYS C . -25.45 -10.07 22.69
C4 XYS C . -24.73 -10.60 23.97
C5 XYS C . -25.03 -12.06 24.30
O2 XYS C . -27.56 -10.09 21.46
O3 XYS C . -25.43 -8.61 22.57
O4 XYS C . -23.26 -10.50 23.91
O5 XYS C . -26.42 -12.40 24.11
C1 GAL C . -28.92 -9.66 21.60
C2 GAL C . -29.55 -9.18 20.26
C3 GAL C . -31.00 -8.88 20.71
C4 GAL C . -31.69 -10.15 21.22
C5 GAL C . -30.95 -10.47 22.51
C6 GAL C . -31.61 -11.54 23.34
O2 GAL C . -29.13 -7.97 19.65
O3 GAL C . -31.74 -8.21 19.71
O4 GAL C . -31.61 -11.20 20.27
O5 GAL C . -29.61 -10.80 22.12
O6 GAL C . -31.09 -11.47 24.62
C2 BGC C . -22.23 -12.62 21.78
C3 BGC C . -21.12 -11.58 21.57
C4 BGC C . -19.87 -12.21 21.07
C5 BGC C . -20.50 -13.10 19.92
C6 BGC C . -19.32 -13.81 19.38
C1 BGC C . -22.83 -13.34 20.62
O2 BGC C . -23.29 -11.84 22.09
O3 BGC C . -20.89 -11.01 22.84
O4 BGC C . -18.73 -11.19 21.04
O5 BGC C . -21.71 -13.97 20.29
O6 BGC C . -19.47 -14.51 18.18
C2 BGC D . 27.38 -3.37 -29.33
C3 BGC D . 26.86 -2.49 -28.17
C4 BGC D . 25.34 -2.58 -28.22
C5 BGC D . 24.82 -4.02 -28.39
C6 BGC D . 23.28 -3.96 -28.54
C1 BGC D . 26.89 -4.82 -29.25
O1 BGC D . 27.46 -5.68 -30.29
O2 BGC D . 28.80 -3.29 -29.18
O3 BGC D . 27.30 -1.07 -28.12
O4 BGC D . 24.82 -2.07 -26.94
O5 BGC D . 25.50 -4.87 -29.42
O6 BGC D . 22.80 -5.26 -28.89
C2 BGC D . 23.51 -0.90 -25.81
C3 BGC D . 22.90 0.41 -25.83
C4 BGC D . 23.91 1.45 -25.50
C5 BGC D . 25.17 1.49 -26.29
C6 BGC D . 26.16 2.59 -25.88
C1 BGC D . 24.67 -0.72 -26.80
O2 BGC D . 22.40 -1.74 -26.23
O3 BGC D . 21.69 0.57 -25.07
O4 BGC D . 23.08 2.50 -25.87
O5 BGC D . 25.75 0.17 -26.34
O6 BGC D . 25.75 3.99 -25.61
C2 BGC D . 21.73 4.36 -25.08
C3 BGC D . 20.74 5.16 -24.22
C4 BGC D . 19.40 4.51 -24.34
C5 BGC D . 19.71 3.06 -24.02
C6 BGC D . 18.54 2.20 -24.12
C1 BGC D . 22.07 2.94 -24.83
O2 BGC D . 22.92 4.97 -24.92
O3 BGC D . 20.75 6.46 -24.70
O4 BGC D . 18.46 5.28 -23.57
O5 BGC D . 20.76 2.44 -24.84
O6 BGC D . 18.96 0.85 -23.85
C1 XYS D . 17.80 0.09 -24.25
C2 XYS D . 18.16 -1.22 -23.59
C3 XYS D . 19.09 -2.06 -24.52
C4 XYS D . 18.66 -2.12 -25.99
C5 XYS D . 18.18 -0.80 -26.53
O2 XYS D . 18.78 -0.92 -22.30
O3 XYS D . 19.00 -3.40 -24.01
O4 XYS D . 19.77 -2.57 -26.81
O5 XYS D . 17.23 -0.19 -25.61
C1 XYS D . 26.67 5.14 -25.72
C2 XYS D . 26.77 6.20 -24.56
C3 XYS D . 25.38 6.66 -24.17
C4 XYS D . 24.67 7.22 -25.42
C5 XYS D . 24.83 6.33 -26.67
O2 XYS D . 27.41 5.66 -23.35
O3 XYS D . 25.44 7.67 -23.12
O4 XYS D . 23.22 7.40 -25.27
O5 XYS D . 26.20 5.93 -26.81
C1 GAL D . 28.78 5.96 -23.18
C2 GAL D . 29.39 5.28 -21.91
C3 GAL D . 30.97 5.40 -21.95
C4 GAL D . 31.55 5.07 -23.33
C5 GAL D . 30.76 5.87 -24.41
C6 GAL D . 31.32 5.71 -25.81
O2 GAL D . 28.99 5.78 -20.65
O3 GAL D . 31.55 4.67 -20.92
O4 GAL D . 31.52 3.68 -23.58
O5 GAL D . 29.36 5.53 -24.40
O6 GAL D . 30.85 6.73 -26.65
C TRS E . -18.25 -8.13 23.06
C1 TRS E . -18.25 -7.41 21.69
C2 TRS E . -19.71 -8.14 23.49
C3 TRS E . -17.15 -7.45 23.92
N TRS E . -17.77 -9.50 22.84
O1 TRS E . -16.99 -7.43 21.05
O2 TRS E . -19.51 -8.38 24.86
O3 TRS E . -17.36 -5.94 24.01
MG MG F . 7.68 4.13 7.12
C TRS G . 18.25 8.89 -22.91
C1 TRS G . 17.23 10.05 -22.91
C2 TRS G . 18.29 8.45 -21.44
C3 TRS G . 19.71 9.09 -23.21
N TRS G . 17.69 7.76 -23.67
O1 TRS G . 17.65 11.21 -21.97
O2 TRS G . 17.02 8.12 -20.98
O3 TRS G . 19.57 9.88 -24.38
MG MG H . -7.17 8.50 -2.12
#